data_6YO8
#
_entry.id   6YO8
#
_cell.length_a   158.651
_cell.length_b   99.880
_cell.length_c   84.812
_cell.angle_alpha   90.000
_cell.angle_beta   93.730
_cell.angle_gamma   90.000
#
_symmetry.space_group_name_H-M   'C 1 2 1'
#
loop_
_entity.id
_entity.type
_entity.pdbx_description
1 polymer '14-3-3 protein zeta/delta'
2 polymer 'Glucocorticoid receptor'
3 water water
#
loop_
_entity_poly.entity_id
_entity_poly.type
_entity_poly.pdbx_seq_one_letter_code
_entity_poly.pdbx_strand_id
1 'polypeptide(L)'
;GAMGSMDKNELVQKAKLAEQAERYDDMAACMKSVTEQGAELSNEERNLLSVAYKNVVGARRSSWRVVSSIEQKTEGAEKK
QQMAREYREKIETELRDICNDVLSLLEKFLIPNASQAESKVFYLKMKGDYYRYLAEVAAGDDKKGIVDQSQQAYQEAFEI
SKKEMQPTHPIRLGLALNFSVFYYEILNSPEKACSLAKTAFDEAIAELDTLSEESYKDSTLIMQLLRDNLTLWTS
;
A,B,C,D
2 'polypeptide(L)' KTIVPA(TPO)LPQLTP E,F,G,H
#
# COMPACT_ATOMS: atom_id res chain seq x y z
N MET A 6 27.97 7.61 7.81
CA MET A 6 28.89 7.20 6.72
C MET A 6 29.41 8.44 6.00
N ASP A 7 30.71 8.48 5.72
CA ASP A 7 31.36 9.62 5.02
C ASP A 7 30.82 9.69 3.59
N LYS A 8 30.77 10.87 2.98
CA LYS A 8 30.28 10.98 1.59
C LYS A 8 31.17 10.14 0.66
N ASN A 9 32.49 10.13 0.88
CA ASN A 9 33.43 9.28 0.13
C ASN A 9 33.14 7.81 0.43
N GLU A 10 32.73 7.49 1.66
CA GLU A 10 32.41 6.08 2.01
C GLU A 10 31.14 5.66 1.26
N LEU A 11 30.17 6.57 1.16
CA LEU A 11 28.91 6.30 0.45
C LEU A 11 29.19 5.97 -1.01
N VAL A 12 30.08 6.73 -1.63
CA VAL A 12 30.42 6.51 -3.07
C VAL A 12 31.01 5.13 -3.25
N GLN A 13 31.87 4.68 -2.35
CA GLN A 13 32.45 3.38 -2.50
C GLN A 13 31.42 2.28 -2.31
N LYS A 14 30.46 2.52 -1.44
CA LYS A 14 29.39 1.58 -1.20
C LYS A 14 28.54 1.43 -2.44
N ALA A 15 28.29 2.55 -3.07
CA ALA A 15 27.52 2.56 -4.34
C ALA A 15 28.26 1.72 -5.38
N LYS A 16 29.58 1.76 -5.41
CA LYS A 16 30.30 0.99 -6.38
C LYS A 16 30.17 -0.49 -6.10
N LEU A 17 30.12 -0.84 -4.83
CA LEU A 17 29.92 -2.20 -4.39
C LEU A 17 28.56 -2.73 -4.72
N ALA A 18 27.57 -1.90 -4.46
CA ALA A 18 26.21 -2.28 -4.73
C ALA A 18 26.01 -2.46 -6.21
N GLU A 19 26.69 -1.65 -7.00
CA GLU A 19 26.58 -1.72 -8.47
C GLU A 19 27.03 -3.11 -8.92
N GLN A 20 28.20 -3.53 -8.47
CA GLN A 20 28.77 -4.87 -8.81
C GLN A 20 27.86 -5.98 -8.28
N ALA A 21 27.29 -5.80 -7.08
CA ALA A 21 26.42 -6.80 -6.43
C ALA A 21 25.00 -6.77 -6.99
N GLU A 22 24.72 -5.85 -7.89
CA GLU A 22 23.42 -5.63 -8.56
C GLU A 22 22.29 -5.31 -7.58
N ARG A 23 22.65 -4.59 -6.54
CA ARG A 23 21.74 -4.12 -5.53
C ARG A 23 21.52 -2.63 -5.74
N TYR A 24 20.67 -2.32 -6.71
CA TYR A 24 20.41 -0.95 -7.22
C TYR A 24 19.64 -0.08 -6.23
N ASP A 25 18.83 -0.65 -5.36
CA ASP A 25 18.13 0.17 -4.33
C ASP A 25 19.21 0.79 -3.44
N ASP A 26 20.20 -0.02 -3.06
CA ASP A 26 21.25 0.45 -2.22
C ASP A 26 22.08 1.49 -2.93
N MET A 27 22.38 1.21 -4.18
CA MET A 27 23.14 2.10 -5.02
C MET A 27 22.49 3.45 -5.12
N ALA A 28 21.20 3.46 -5.37
CA ALA A 28 20.47 4.71 -5.50
C ALA A 28 20.37 5.46 -4.18
N ALA A 29 20.22 4.74 -3.09
CA ALA A 29 20.15 5.38 -1.79
C ALA A 29 21.47 6.04 -1.39
N CYS A 30 22.56 5.38 -1.69
CA CYS A 30 23.92 5.86 -1.49
C CYS A 30 24.15 7.16 -2.27
N MET A 31 23.70 7.20 -3.51
CA MET A 31 23.93 8.36 -4.33
C MET A 31 22.98 9.47 -4.01
N LYS A 32 21.80 9.11 -3.49
CA LYS A 32 20.80 10.13 -3.12
C LYS A 32 21.34 10.88 -1.91
N SER A 33 22.00 10.17 -1.00
CA SER A 33 22.57 10.79 0.22
C SER A 33 23.71 11.73 -0.17
N VAL A 34 24.58 11.28 -1.08
CA VAL A 34 25.72 12.12 -1.52
C VAL A 34 25.17 13.40 -2.17
N THR A 35 24.12 13.31 -2.97
CA THR A 35 23.50 14.49 -3.61
C THR A 35 22.94 15.43 -2.55
N GLU A 36 22.37 14.87 -1.49
CA GLU A 36 21.72 15.60 -0.38
C GLU A 36 22.73 16.45 0.41
N GLN A 37 24.01 16.09 0.35
CA GLN A 37 25.16 16.77 1.02
C GLN A 37 25.32 18.19 0.47
N GLY A 38 24.98 18.39 -0.81
CA GLY A 38 24.97 19.71 -1.47
C GLY A 38 26.23 19.96 -2.26
N ALA A 39 27.23 19.12 -2.08
CA ALA A 39 28.49 19.26 -2.83
C ALA A 39 28.21 18.89 -4.28
N GLU A 40 28.84 19.59 -5.23
CA GLU A 40 28.67 19.33 -6.64
C GLU A 40 29.16 17.94 -6.94
N LEU A 41 28.35 17.16 -7.66
CA LEU A 41 28.72 15.76 -7.97
C LEU A 41 29.85 15.75 -8.99
N SER A 42 30.73 14.77 -8.88
CA SER A 42 31.82 14.57 -9.88
C SER A 42 31.26 13.79 -11.06
N ASN A 43 32.01 13.68 -12.16
CA ASN A 43 31.53 12.95 -13.30
C ASN A 43 31.22 11.53 -12.91
N GLU A 44 32.18 10.93 -12.21
CA GLU A 44 32.08 9.54 -11.74
C GLU A 44 30.79 9.36 -10.95
N GLU A 45 30.57 10.22 -9.96
CA GLU A 45 29.39 10.19 -9.04
C GLU A 45 28.10 10.47 -9.81
N ARG A 46 28.16 11.39 -10.77
CA ARG A 46 26.99 11.76 -11.59
C ARG A 46 26.53 10.54 -12.39
N ASN A 47 27.48 9.76 -12.90
N ASN A 47 27.48 9.75 -12.86
CA ASN A 47 27.13 8.54 -13.68
CA ASN A 47 27.19 8.56 -13.63
C ASN A 47 26.67 7.43 -12.75
C ASN A 47 26.66 7.47 -12.73
N LEU A 48 27.14 7.43 -11.49
CA LEU A 48 26.68 6.40 -10.59
C LEU A 48 25.22 6.61 -10.23
N LEU A 49 24.82 7.87 -10.16
CA LEU A 49 23.49 8.23 -9.82
C LEU A 49 22.51 7.96 -10.92
N SER A 50 22.93 8.19 -12.15
CA SER A 50 22.17 7.92 -13.34
C SER A 50 21.94 6.42 -13.53
N VAL A 51 22.99 5.63 -13.42
CA VAL A 51 22.92 4.19 -13.56
C VAL A 51 22.08 3.59 -12.48
N ALA A 52 22.29 4.02 -11.27
CA ALA A 52 21.49 3.56 -10.12
C ALA A 52 20.00 3.68 -10.36
N TYR A 53 19.52 4.88 -10.64
CA TYR A 53 18.12 5.13 -10.80
C TYR A 53 17.55 4.62 -12.09
N LYS A 54 18.39 4.43 -13.09
CA LYS A 54 17.88 3.89 -14.38
C LYS A 54 17.52 2.43 -14.16
N ASN A 55 18.36 1.72 -13.41
CA ASN A 55 18.14 0.30 -13.09
C ASN A 55 16.95 0.14 -12.14
N VAL A 56 16.77 1.08 -11.18
CA VAL A 56 15.66 1.07 -10.23
C VAL A 56 14.32 1.29 -10.96
N VAL A 57 14.23 2.33 -11.81
CA VAL A 57 13.02 2.67 -12.57
C VAL A 57 12.79 1.64 -13.71
N GLY A 58 13.88 1.12 -14.27
CA GLY A 58 13.89 0.15 -15.35
C GLY A 58 13.18 -1.15 -15.04
N ALA A 59 13.32 -1.65 -13.79
CA ALA A 59 12.65 -2.86 -13.31
C ALA A 59 11.13 -2.68 -13.36
N ARG A 60 10.66 -1.53 -12.96
CA ARG A 60 9.25 -1.24 -13.02
C ARG A 60 8.72 -0.97 -14.42
N ARG A 61 9.52 -0.36 -15.27
CA ARG A 61 9.10 -0.12 -16.64
C ARG A 61 8.89 -1.42 -17.34
N SER A 62 9.85 -2.31 -17.16
CA SER A 62 9.77 -3.63 -17.71
C SER A 62 8.59 -4.44 -17.15
N SER A 63 8.35 -4.37 -15.86
CA SER A 63 7.21 -5.04 -15.26
C SER A 63 5.89 -4.51 -15.77
N TRP A 64 5.84 -3.19 -15.90
CA TRP A 64 4.63 -2.51 -16.40
C TRP A 64 4.31 -3.04 -17.80
N ARG A 65 5.33 -3.20 -18.63
CA ARG A 65 5.11 -3.69 -20.01
C ARG A 65 4.58 -5.12 -19.97
N VAL A 66 5.17 -5.98 -19.13
CA VAL A 66 4.74 -7.40 -19.09
C VAL A 66 3.30 -7.49 -18.60
N VAL A 67 2.96 -6.75 -17.55
CA VAL A 67 1.59 -6.78 -16.98
C VAL A 67 0.58 -6.16 -17.95
N SER A 68 0.98 -5.12 -18.67
CA SER A 68 0.08 -4.48 -19.66
C SER A 68 -0.21 -5.48 -20.77
N SER A 69 0.82 -6.16 -21.26
CA SER A 69 0.64 -7.16 -22.34
C SER A 69 -0.32 -8.25 -21.87
N ILE A 70 -0.18 -8.70 -20.64
CA ILE A 70 -1.08 -9.76 -20.11
C ILE A 70 -2.51 -9.20 -20.07
N GLU A 71 -2.66 -7.95 -19.68
CA GLU A 71 -4.00 -7.31 -19.57
C GLU A 71 -4.68 -7.33 -20.94
N GLN A 72 -3.95 -7.00 -22.01
CA GLN A 72 -4.53 -7.01 -23.37
C GLN A 72 -4.93 -8.44 -23.76
N LYS A 73 -4.10 -9.42 -23.41
CA LYS A 73 -4.33 -10.86 -23.76
C LYS A 73 -5.49 -11.45 -22.97
N THR A 74 -5.84 -10.88 -21.81
CA THR A 74 -6.98 -11.44 -21.05
C THR A 74 -8.31 -10.81 -21.51
N GLU A 75 -8.69 -11.06 -22.77
CA GLU A 75 -9.98 -10.60 -23.33
C GLU A 75 -10.99 -11.68 -22.93
N GLY A 76 -10.68 -12.37 -21.84
CA GLY A 76 -11.52 -13.50 -21.38
C GLY A 76 -12.10 -13.24 -20.01
N ALA A 77 -11.39 -13.67 -18.95
CA ALA A 77 -11.92 -13.51 -17.58
C ALA A 77 -11.84 -12.06 -17.14
N GLU A 78 -12.97 -11.50 -16.73
CA GLU A 78 -13.02 -10.09 -16.23
C GLU A 78 -12.19 -10.01 -14.95
N LYS A 79 -12.29 -11.04 -14.09
CA LYS A 79 -11.53 -11.05 -12.81
C LYS A 79 -10.01 -11.11 -13.06
N LYS A 80 -9.56 -11.94 -14.00
CA LYS A 80 -8.10 -12.01 -14.26
C LYS A 80 -7.62 -10.67 -14.78
N GLN A 81 -8.28 -10.14 -15.80
CA GLN A 81 -7.91 -8.87 -16.35
C GLN A 81 -8.08 -7.81 -15.29
N GLN A 82 -9.07 -7.94 -14.44
CA GLN A 82 -9.20 -6.93 -13.42
C GLN A 82 -8.03 -7.01 -12.46
N MET A 83 -7.56 -8.21 -12.21
CA MET A 83 -6.40 -8.39 -11.28
C MET A 83 -5.15 -7.79 -11.93
N ALA A 84 -4.97 -8.00 -13.22
CA ALA A 84 -3.79 -7.46 -13.92
C ALA A 84 -3.84 -5.93 -13.85
N ARG A 85 -5.01 -5.35 -14.08
CA ARG A 85 -5.13 -3.87 -14.05
C ARG A 85 -4.77 -3.37 -12.66
N GLU A 86 -5.24 -4.05 -11.62
CA GLU A 86 -4.93 -3.60 -10.23
C GLU A 86 -3.42 -3.71 -9.99
N TYR A 87 -2.82 -4.79 -10.47
CA TYR A 87 -1.37 -5.01 -10.28
C TYR A 87 -0.60 -3.93 -11.04
N ARG A 88 -1.01 -3.67 -12.28
CA ARG A 88 -0.33 -2.64 -13.10
C ARG A 88 -0.36 -1.31 -12.35
N GLU A 89 -1.48 -0.98 -11.71
CA GLU A 89 -1.62 0.30 -10.98
C GLU A 89 -0.62 0.35 -9.84
N LYS A 90 -0.41 -0.78 -9.15
CA LYS A 90 0.55 -0.84 -8.04
C LYS A 90 1.96 -0.55 -8.58
N ILE A 91 2.28 -1.11 -9.75
CA ILE A 91 3.61 -0.90 -10.38
C ILE A 91 3.73 0.57 -10.80
N GLU A 92 2.69 1.13 -11.40
CA GLU A 92 2.68 2.55 -11.83
C GLU A 92 2.95 3.44 -10.61
N THR A 93 2.34 3.13 -9.48
CA THR A 93 2.54 3.97 -8.28
C THR A 93 4.02 3.92 -7.87
N GLU A 94 4.64 2.74 -7.92
CA GLU A 94 6.07 2.64 -7.54
C GLU A 94 6.93 3.45 -8.50
N LEU A 95 6.60 3.40 -9.78
CA LEU A 95 7.33 4.12 -10.84
C LEU A 95 7.24 5.62 -10.60
N ARG A 96 6.07 6.13 -10.24
CA ARG A 96 5.89 7.57 -9.98
C ARG A 96 6.73 7.99 -8.76
N ASP A 97 6.74 7.16 -7.73
CA ASP A 97 7.53 7.52 -6.52
C ASP A 97 9.00 7.64 -6.92
N ILE A 98 9.51 6.69 -7.71
CA ILE A 98 10.93 6.70 -8.15
C ILE A 98 11.20 7.94 -9.00
N CYS A 99 10.37 8.18 -10.00
CA CYS A 99 10.55 9.33 -10.84
C CYS A 99 10.59 10.62 -10.03
N ASN A 100 9.62 10.78 -9.15
CA ASN A 100 9.51 12.00 -8.40
C ASN A 100 10.72 12.16 -7.56
N ASP A 101 11.23 11.05 -7.10
CA ASP A 101 12.37 11.07 -6.23
C ASP A 101 13.57 11.68 -6.95
N VAL A 102 13.71 11.36 -8.21
CA VAL A 102 14.83 11.78 -9.02
C VAL A 102 14.66 13.22 -9.43
N LEU A 103 13.46 13.51 -9.92
CA LEU A 103 13.11 14.87 -10.37
C LEU A 103 13.28 15.82 -9.18
N SER A 104 12.92 15.39 -7.98
CA SER A 104 13.09 16.23 -6.79
C SER A 104 14.58 16.50 -6.55
N LEU A 105 15.42 15.47 -6.70
CA LEU A 105 16.88 15.66 -6.51
C LEU A 105 17.40 16.65 -7.56
N LEU A 106 16.92 16.55 -8.80
CA LEU A 106 17.37 17.43 -9.89
C LEU A 106 16.99 18.88 -9.61
N GLU A 107 15.75 19.17 -9.20
CA GLU A 107 15.34 20.58 -8.96
C GLU A 107 16.02 21.18 -7.72
N LYS A 108 16.01 20.45 -6.61
CA LYS A 108 16.58 20.97 -5.35
C LYS A 108 18.10 21.05 -5.33
N PHE A 109 18.83 20.08 -5.84
CA PHE A 109 20.30 20.15 -5.62
C PHE A 109 21.17 20.11 -6.89
N LEU A 110 20.73 19.48 -7.97
CA LEU A 110 21.69 19.26 -9.08
C LEU A 110 21.62 20.33 -10.17
N ILE A 111 20.42 20.61 -10.67
CA ILE A 111 20.27 21.59 -11.78
C ILE A 111 20.69 22.99 -11.33
N PRO A 112 20.22 23.50 -10.17
CA PRO A 112 20.57 24.83 -9.69
C PRO A 112 22.07 24.99 -9.42
N ASN A 113 22.70 23.94 -8.91
CA ASN A 113 24.13 23.97 -8.50
C ASN A 113 25.05 23.64 -9.68
N ALA A 114 24.51 23.44 -10.88
CA ALA A 114 25.38 23.11 -12.03
C ALA A 114 25.97 24.40 -12.61
N SER A 115 27.29 24.52 -12.57
CA SER A 115 28.00 25.71 -13.10
C SER A 115 28.34 25.57 -14.59
N GLN A 116 28.87 24.42 -14.99
CA GLN A 116 29.28 24.17 -16.39
C GLN A 116 28.09 23.68 -17.21
N ALA A 117 28.13 23.86 -18.52
CA ALA A 117 27.03 23.43 -19.38
C ALA A 117 26.96 21.92 -19.47
N GLU A 118 28.12 21.27 -19.51
CA GLU A 118 28.19 19.84 -19.58
C GLU A 118 27.23 19.23 -18.58
N SER A 119 27.28 19.74 -17.37
CA SER A 119 26.48 19.20 -16.28
C SER A 119 25.02 19.61 -16.35
N LYS A 120 24.78 20.83 -16.82
CA LYS A 120 23.42 21.37 -16.97
C LYS A 120 22.68 20.52 -18.00
N VAL A 121 23.35 20.18 -19.09
CA VAL A 121 22.78 19.36 -20.13
C VAL A 121 22.46 17.98 -19.63
N PHE A 122 23.37 17.42 -18.86
CA PHE A 122 23.23 16.09 -18.31
C PHE A 122 22.00 16.01 -17.44
N TYR A 123 21.88 16.95 -16.51
CA TYR A 123 20.76 16.94 -15.54
C TYR A 123 19.45 17.26 -16.26
N LEU A 124 19.48 18.18 -17.22
CA LEU A 124 18.26 18.54 -17.98
C LEU A 124 17.80 17.35 -18.82
N LYS A 125 18.75 16.60 -19.39
CA LYS A 125 18.40 15.37 -20.15
C LYS A 125 17.78 14.38 -19.16
N MET A 126 18.36 14.27 -17.98
CA MET A 126 17.85 13.36 -16.93
C MET A 126 16.44 13.80 -16.57
N LYS A 127 16.20 15.11 -16.43
CA LYS A 127 14.84 15.60 -16.10
C LYS A 127 13.90 15.22 -17.23
N GLY A 128 14.33 15.35 -18.49
CA GLY A 128 13.49 14.96 -19.63
C GLY A 128 13.18 13.48 -19.61
N ASP A 129 14.15 12.64 -19.25
CA ASP A 129 13.96 11.17 -19.21
C ASP A 129 12.92 10.79 -18.16
N TYR A 130 12.97 11.38 -16.97
CA TYR A 130 12.03 10.99 -15.89
C TYR A 130 10.62 11.53 -16.11
N TYR A 131 10.46 12.63 -16.83
CA TYR A 131 9.11 13.11 -17.13
C TYR A 131 8.54 12.25 -18.21
N ARG A 132 9.41 11.79 -19.09
CA ARG A 132 9.00 10.88 -20.14
C ARG A 132 8.47 9.58 -19.55
N TYR A 133 9.15 9.03 -18.57
CA TYR A 133 8.71 7.81 -17.89
C TYR A 133 7.39 8.05 -17.18
N LEU A 134 7.17 9.23 -16.65
CA LEU A 134 5.91 9.55 -15.99
C LEU A 134 4.78 9.67 -16.98
N ALA A 135 5.11 10.06 -18.19
CA ALA A 135 4.12 10.29 -19.22
C ALA A 135 3.65 9.01 -19.83
N GLU A 136 4.40 7.94 -19.66
CA GLU A 136 4.03 6.67 -20.21
C GLU A 136 2.91 6.08 -19.38
N VAL A 137 2.82 6.48 -18.12
CA VAL A 137 1.82 5.89 -17.19
C VAL A 137 0.94 7.01 -16.62
N ALA A 138 0.95 8.16 -17.27
CA ALA A 138 0.16 9.29 -16.78
C ALA A 138 -1.34 9.07 -17.04
N ALA A 139 -2.16 9.70 -16.20
CA ALA A 139 -3.62 9.71 -16.33
C ALA A 139 -3.93 10.54 -17.59
N GLY A 140 -5.03 10.24 -18.30
CA GLY A 140 -5.29 10.92 -19.58
C GLY A 140 -5.36 12.42 -19.44
N ASP A 141 -5.98 12.92 -18.38
CA ASP A 141 -6.05 14.38 -18.18
C ASP A 141 -4.65 14.96 -17.92
N ASP A 142 -3.85 14.32 -17.06
CA ASP A 142 -2.51 14.83 -16.68
C ASP A 142 -1.46 14.65 -17.77
N LYS A 143 -1.72 13.77 -18.72
CA LYS A 143 -0.74 13.47 -19.73
C LYS A 143 -0.03 14.67 -20.30
N LYS A 144 -0.74 15.52 -21.01
CA LYS A 144 -0.16 16.71 -21.64
C LYS A 144 0.75 17.54 -20.77
N GLY A 145 0.36 17.79 -19.55
CA GLY A 145 1.19 18.58 -18.68
C GLY A 145 2.51 17.90 -18.45
N ILE A 146 2.50 16.59 -18.31
CA ILE A 146 3.77 15.86 -18.04
C ILE A 146 4.58 15.79 -19.34
N VAL A 147 3.89 15.57 -20.46
CA VAL A 147 4.53 15.45 -21.78
C VAL A 147 5.21 16.78 -22.15
N ASP A 148 4.58 17.89 -21.80
CA ASP A 148 5.14 19.23 -22.11
C ASP A 148 6.35 19.50 -21.21
N GLN A 149 6.31 19.02 -19.97
CA GLN A 149 7.44 19.23 -19.03
C GLN A 149 8.68 18.50 -19.53
N SER A 150 8.49 17.33 -20.13
CA SER A 150 9.58 16.50 -20.69
C SER A 150 10.24 17.25 -21.84
N GLN A 151 9.45 17.61 -22.84
CA GLN A 151 9.90 18.33 -24.01
C GLN A 151 10.68 19.56 -23.67
N GLN A 152 10.17 20.34 -22.74
CA GLN A 152 10.83 21.57 -22.37
C GLN A 152 12.23 21.34 -21.86
N ALA A 153 12.40 20.30 -21.05
CA ALA A 153 13.69 20.04 -20.43
C ALA A 153 14.67 19.52 -21.45
N TYR A 154 14.19 18.67 -22.30
CA TYR A 154 14.99 18.15 -23.42
C TYR A 154 15.42 19.28 -24.35
N GLN A 155 14.45 20.13 -24.75
CA GLN A 155 14.70 21.26 -25.66
C GLN A 155 15.68 22.23 -25.01
N GLU A 156 15.53 22.50 -23.72
CA GLU A 156 16.48 23.43 -23.09
C GLU A 156 17.88 22.81 -23.11
N ALA A 157 18.00 21.52 -22.82
CA ALA A 157 19.30 20.82 -22.81
C ALA A 157 19.86 20.82 -24.23
N PHE A 158 18.99 20.61 -25.21
CA PHE A 158 19.36 20.54 -26.63
C PHE A 158 19.94 21.89 -27.08
N GLU A 159 19.31 22.99 -26.68
CA GLU A 159 19.81 24.33 -27.06
C GLU A 159 21.17 24.60 -26.41
N ILE A 160 21.32 24.26 -25.14
CA ILE A 160 22.63 24.50 -24.46
C ILE A 160 23.71 23.63 -25.11
N SER A 161 23.40 22.37 -25.38
CA SER A 161 24.42 21.46 -25.96
C SER A 161 24.86 21.95 -27.35
N LYS A 162 23.92 22.40 -28.16
CA LYS A 162 24.30 22.89 -29.52
C LYS A 162 25.23 24.09 -29.40
N LYS A 163 24.89 25.04 -28.54
CA LYS A 163 25.73 26.25 -28.35
C LYS A 163 27.06 25.95 -27.66
N GLU A 164 27.07 25.12 -26.62
CA GLU A 164 28.32 25.00 -25.82
C GLU A 164 29.07 23.69 -25.95
N MET A 165 28.58 22.71 -26.70
CA MET A 165 29.30 21.42 -26.70
C MET A 165 29.60 20.94 -28.11
N GLN A 166 30.72 20.24 -28.28
CA GLN A 166 31.09 19.66 -29.57
C GLN A 166 30.10 18.56 -29.92
N PRO A 167 29.83 18.28 -31.21
CA PRO A 167 28.87 17.27 -31.63
C PRO A 167 29.25 15.83 -31.23
N THR A 168 30.53 15.57 -31.02
CA THR A 168 31.06 14.26 -30.59
C THR A 168 30.87 14.02 -29.10
N HIS A 169 30.46 15.01 -28.30
CA HIS A 169 30.30 14.79 -26.86
C HIS A 169 29.29 13.72 -26.52
N PRO A 170 29.66 12.77 -25.68
CA PRO A 170 28.74 11.69 -25.37
C PRO A 170 27.42 12.18 -24.76
N ILE A 171 27.47 13.18 -23.90
CA ILE A 171 26.25 13.77 -23.27
C ILE A 171 25.36 14.39 -24.35
N ARG A 172 25.94 15.15 -25.27
CA ARG A 172 25.15 15.75 -26.38
C ARG A 172 24.60 14.65 -27.29
N LEU A 173 25.40 13.62 -27.59
CA LEU A 173 24.96 12.48 -28.43
C LEU A 173 23.87 11.71 -27.67
N GLY A 174 24.07 11.47 -26.38
CA GLY A 174 23.06 10.80 -25.60
C GLY A 174 21.76 11.54 -25.42
N LEU A 175 21.82 12.85 -25.34
CA LEU A 175 20.63 13.64 -25.29
C LEU A 175 19.82 13.52 -26.57
N ALA A 176 20.49 13.54 -27.70
CA ALA A 176 19.83 13.44 -28.99
C ALA A 176 19.18 12.11 -29.19
N LEU A 177 19.89 11.07 -28.82
CA LEU A 177 19.35 9.74 -28.87
C LEU A 177 18.03 9.67 -28.13
N ASN A 178 18.02 10.07 -26.87
CA ASN A 178 16.82 10.02 -26.07
C ASN A 178 15.71 10.96 -26.52
N PHE A 179 16.06 12.17 -26.93
CA PHE A 179 15.10 13.15 -27.38
C PHE A 179 14.40 12.64 -28.60
N SER A 180 15.17 12.04 -29.48
CA SER A 180 14.68 11.43 -30.68
C SER A 180 13.64 10.34 -30.37
N VAL A 181 13.94 9.52 -29.37
CA VAL A 181 13.08 8.44 -28.90
C VAL A 181 11.78 9.05 -28.34
N PHE A 182 11.91 10.17 -27.67
CA PHE A 182 10.77 10.90 -27.17
C PHE A 182 9.86 11.29 -28.31
N TYR A 183 10.43 11.83 -29.37
CA TYR A 183 9.61 12.21 -30.50
C TYR A 183 8.86 11.02 -31.06
N TYR A 184 9.57 9.92 -31.22
CA TYR A 184 8.97 8.71 -31.82
C TYR A 184 8.01 8.02 -30.85
N GLU A 185 8.48 7.56 -29.70
CA GLU A 185 7.64 6.83 -28.79
C GLU A 185 6.59 7.64 -28.08
N ILE A 186 6.93 8.84 -27.67
CA ILE A 186 5.95 9.64 -26.89
C ILE A 186 5.11 10.55 -27.78
N LEU A 187 5.71 11.36 -28.65
CA LEU A 187 4.91 12.31 -29.46
C LEU A 187 4.40 11.65 -30.74
N ASN A 188 4.77 10.40 -30.99
CA ASN A 188 4.33 9.67 -32.20
C ASN A 188 4.60 10.53 -33.43
N SER A 189 5.83 11.03 -33.55
CA SER A 189 6.22 11.90 -34.68
C SER A 189 7.50 11.34 -35.29
N PRO A 190 7.44 10.25 -36.07
CA PRO A 190 8.63 9.60 -36.62
C PRO A 190 9.55 10.42 -37.51
N GLU A 191 9.02 11.30 -38.34
CA GLU A 191 9.91 12.09 -39.23
C GLU A 191 10.85 12.94 -38.36
N LYS A 192 10.31 13.58 -37.33
CA LYS A 192 11.14 14.45 -36.47
C LYS A 192 12.21 13.64 -35.73
N ALA A 193 11.86 12.45 -35.27
CA ALA A 193 12.77 11.57 -34.52
C ALA A 193 13.93 11.17 -35.45
N CYS A 194 13.60 10.83 -36.70
CA CYS A 194 14.62 10.39 -37.67
C CYS A 194 15.60 11.51 -38.01
N SER A 195 15.11 12.72 -38.21
CA SER A 195 16.02 13.83 -38.62
C SER A 195 16.90 14.22 -37.44
N LEU A 196 16.31 14.27 -36.25
CA LEU A 196 17.03 14.63 -35.05
C LEU A 196 18.21 13.72 -34.88
N ALA A 197 17.94 12.43 -34.92
CA ALA A 197 18.98 11.44 -34.79
C ALA A 197 19.96 11.40 -35.96
N LYS A 198 19.50 11.63 -37.18
CA LYS A 198 20.41 11.65 -38.31
C LYS A 198 21.31 12.88 -38.28
N THR A 199 20.74 14.03 -37.98
CA THR A 199 21.50 15.29 -37.88
C THR A 199 22.62 15.11 -36.85
N ALA A 200 22.28 14.58 -35.66
CA ALA A 200 23.23 14.38 -34.56
C ALA A 200 24.36 13.43 -34.94
N PHE A 201 24.04 12.39 -35.75
CA PHE A 201 25.03 11.43 -36.23
C PHE A 201 25.95 12.11 -37.29
N ASP A 202 25.35 12.83 -38.26
CA ASP A 202 26.08 13.52 -39.34
C ASP A 202 27.04 14.58 -38.80
N GLU A 203 26.63 15.31 -37.76
CA GLU A 203 27.46 16.34 -37.16
C GLU A 203 28.64 15.71 -36.42
N ALA A 204 28.39 14.64 -35.72
CA ALA A 204 29.45 13.91 -35.00
C ALA A 204 30.45 13.28 -35.98
N ILE A 205 29.95 12.78 -37.12
CA ILE A 205 30.77 12.09 -38.15
C ILE A 205 31.85 13.04 -38.67
N ALA A 206 31.49 14.29 -38.88
CA ALA A 206 32.41 15.34 -39.38
C ALA A 206 33.57 15.62 -38.42
N GLU A 207 33.41 15.42 -37.13
CA GLU A 207 34.48 15.77 -36.16
C GLU A 207 35.19 14.56 -35.57
N LEU A 208 35.02 13.36 -36.13
CA LEU A 208 35.65 12.15 -35.56
C LEU A 208 37.18 12.23 -35.57
N ASP A 209 37.76 12.87 -36.59
CA ASP A 209 39.23 13.00 -36.71
C ASP A 209 39.82 13.81 -35.54
N THR A 210 39.01 14.58 -34.83
CA THR A 210 39.52 15.38 -33.75
C THR A 210 39.49 14.69 -32.38
N LEU A 211 39.12 13.42 -32.33
CA LEU A 211 38.98 12.78 -31.02
C LEU A 211 40.24 12.01 -30.67
N SER A 212 40.44 11.82 -29.37
CA SER A 212 41.52 10.99 -28.79
C SER A 212 41.05 9.53 -28.79
N GLU A 213 41.92 8.59 -28.41
CA GLU A 213 41.50 7.17 -28.40
C GLU A 213 40.31 6.97 -27.47
N GLU A 214 40.39 7.43 -26.23
CA GLU A 214 39.27 7.22 -25.27
C GLU A 214 38.02 7.95 -25.73
N SER A 215 38.16 9.18 -26.22
CA SER A 215 36.98 9.95 -26.67
C SER A 215 36.30 9.22 -27.84
N TYR A 216 37.10 8.68 -28.76
CA TYR A 216 36.57 7.99 -29.95
C TYR A 216 35.75 6.78 -29.54
N LYS A 217 36.21 5.95 -28.61
CA LYS A 217 35.42 4.74 -28.27
C LYS A 217 34.05 5.14 -27.72
N ASP A 218 34.03 6.13 -26.84
CA ASP A 218 32.83 6.61 -26.20
C ASP A 218 31.81 7.18 -27.15
N SER A 219 32.23 8.07 -28.03
CA SER A 219 31.30 8.66 -28.96
C SER A 219 30.81 7.70 -30.00
N THR A 220 31.66 6.83 -30.51
CA THR A 220 31.22 5.90 -31.53
C THR A 220 30.19 4.91 -31.02
N LEU A 221 30.32 4.50 -29.77
CA LEU A 221 29.37 3.60 -29.20
C LEU A 221 27.98 4.18 -29.25
N ILE A 222 27.82 5.45 -28.95
CA ILE A 222 26.49 6.11 -28.97
C ILE A 222 26.02 6.30 -30.42
N MET A 223 26.89 6.79 -31.28
CA MET A 223 26.61 7.01 -32.71
C MET A 223 26.04 5.74 -33.35
N GLN A 224 26.54 4.59 -32.90
CA GLN A 224 26.06 3.29 -33.38
C GLN A 224 24.62 3.11 -32.90
N LEU A 225 24.33 3.53 -31.66
CA LEU A 225 22.96 3.43 -31.12
C LEU A 225 22.03 4.31 -31.93
N LEU A 226 22.48 5.48 -32.34
CA LEU A 226 21.64 6.36 -33.19
C LEU A 226 21.37 5.62 -34.50
N ARG A 227 22.39 4.99 -35.07
CA ARG A 227 22.29 4.22 -36.33
C ARG A 227 21.34 3.04 -36.14
N ASP A 228 21.44 2.35 -35.01
CA ASP A 228 20.58 1.16 -34.75
C ASP A 228 19.11 1.58 -34.74
N ASN A 229 18.80 2.71 -34.13
CA ASN A 229 17.41 3.19 -34.05
C ASN A 229 16.94 3.61 -35.44
N LEU A 230 17.79 4.32 -36.17
CA LEU A 230 17.45 4.82 -37.52
C LEU A 230 17.16 3.62 -38.41
N THR A 231 18.02 2.60 -38.36
CA THR A 231 17.78 1.41 -39.21
C THR A 231 16.44 0.79 -38.83
N LEU A 232 16.19 0.63 -37.53
CA LEU A 232 14.91 0.05 -37.05
C LEU A 232 13.73 0.88 -37.53
N TRP A 233 13.86 2.21 -37.46
CA TRP A 233 12.79 3.13 -37.91
C TRP A 233 12.63 3.15 -39.43
N THR A 234 13.75 3.09 -40.15
CA THR A 234 13.79 3.18 -41.63
C THR A 234 13.40 1.86 -42.30
N SER A 235 13.42 0.76 -41.55
CA SER A 235 13.13 -0.57 -42.14
C SER A 235 11.99 -1.25 -41.40
N MET B 6 -8.23 -11.77 1.21
CA MET B 6 -7.80 -12.25 -0.13
C MET B 6 -7.94 -13.77 -0.20
N ASP B 7 -8.64 -14.24 -1.24
CA ASP B 7 -8.94 -15.68 -1.52
C ASP B 7 -7.65 -16.43 -1.80
N LYS B 8 -7.49 -17.67 -1.34
CA LYS B 8 -6.27 -18.43 -1.61
C LYS B 8 -6.11 -18.48 -3.09
N ASN B 9 -7.22 -18.71 -3.76
CA ASN B 9 -7.21 -18.80 -5.25
C ASN B 9 -6.70 -17.47 -5.82
N GLU B 10 -7.12 -16.34 -5.25
CA GLU B 10 -6.73 -14.99 -5.75
C GLU B 10 -5.23 -14.78 -5.59
N LEU B 11 -4.69 -15.17 -4.45
CA LEU B 11 -3.25 -14.99 -4.14
C LEU B 11 -2.41 -15.77 -5.13
N VAL B 12 -2.83 -16.97 -5.48
CA VAL B 12 -2.08 -17.81 -6.45
C VAL B 12 -2.07 -17.12 -7.82
N GLN B 13 -3.15 -16.52 -8.25
CA GLN B 13 -3.16 -15.85 -9.54
C GLN B 13 -2.26 -14.63 -9.54
N LYS B 14 -2.18 -13.95 -8.41
CA LYS B 14 -1.25 -12.81 -8.23
C LYS B 14 0.20 -13.32 -8.23
N ALA B 15 0.45 -14.47 -7.62
CA ALA B 15 1.82 -15.02 -7.57
C ALA B 15 2.29 -15.32 -8.99
N LYS B 16 1.41 -15.88 -9.81
CA LYS B 16 1.78 -16.19 -11.20
C LYS B 16 2.01 -14.87 -11.94
N LEU B 17 1.26 -13.84 -11.58
CA LEU B 17 1.39 -12.50 -12.20
C LEU B 17 2.76 -11.93 -11.81
N ALA B 18 3.09 -12.04 -10.53
CA ALA B 18 4.38 -11.52 -10.00
C ALA B 18 5.54 -12.23 -10.70
N GLU B 19 5.41 -13.54 -10.93
CA GLU B 19 6.49 -14.32 -11.57
C GLU B 19 6.70 -13.79 -13.00
N GLN B 20 5.63 -13.48 -13.71
CA GLN B 20 5.70 -12.96 -15.09
C GLN B 20 6.39 -11.59 -15.10
N ALA B 21 6.10 -10.76 -14.10
CA ALA B 21 6.65 -9.39 -13.98
C ALA B 21 8.02 -9.41 -13.30
N GLU B 22 8.48 -10.57 -12.84
CA GLU B 22 9.79 -10.75 -12.16
C GLU B 22 9.84 -9.97 -10.85
N ARG B 23 8.70 -9.87 -10.18
CA ARG B 23 8.61 -9.24 -8.85
C ARG B 23 8.54 -10.39 -7.85
N TYR B 24 9.66 -11.05 -7.67
CA TYR B 24 9.78 -12.20 -6.80
C TYR B 24 9.53 -11.90 -5.35
N ASP B 25 9.65 -10.63 -4.98
CA ASP B 25 9.38 -10.20 -3.64
C ASP B 25 7.89 -10.33 -3.42
N ASP B 26 7.11 -9.95 -4.41
CA ASP B 26 5.67 -10.02 -4.32
C ASP B 26 5.19 -11.46 -4.41
N MET B 27 5.85 -12.25 -5.24
CA MET B 27 5.54 -13.69 -5.45
C MET B 27 5.72 -14.46 -4.14
N ALA B 28 6.81 -14.21 -3.43
CA ALA B 28 7.08 -14.90 -2.15
C ALA B 28 6.04 -14.49 -1.10
N ALA B 29 5.69 -13.20 -1.06
CA ALA B 29 4.71 -12.72 -0.08
C ALA B 29 3.36 -13.38 -0.35
N CYS B 30 2.99 -13.50 -1.62
CA CYS B 30 1.70 -14.14 -1.96
C CYS B 30 1.71 -15.61 -1.54
N MET B 31 2.78 -16.34 -1.88
CA MET B 31 2.88 -17.77 -1.55
C MET B 31 3.00 -17.97 -0.04
N LYS B 32 3.64 -17.05 0.65
CA LYS B 32 3.72 -17.14 2.13
C LYS B 32 2.31 -17.01 2.70
N SER B 33 1.52 -16.10 2.14
CA SER B 33 0.13 -15.92 2.63
C SER B 33 -0.69 -17.18 2.37
N VAL B 34 -0.56 -17.79 1.20
CA VAL B 34 -1.32 -19.02 0.84
C VAL B 34 -0.93 -20.12 1.83
N THR B 35 0.35 -20.24 2.13
CA THR B 35 0.84 -21.25 3.08
C THR B 35 0.29 -20.98 4.47
N GLU B 36 0.28 -19.73 4.90
CA GLU B 36 -0.15 -19.36 6.27
C GLU B 36 -1.62 -19.72 6.49
N GLN B 37 -2.41 -19.79 5.42
CA GLN B 37 -3.85 -20.15 5.54
C GLN B 37 -3.98 -21.51 6.23
N GLY B 38 -2.87 -22.24 6.33
CA GLY B 38 -2.78 -23.53 7.06
C GLY B 38 -3.19 -24.75 6.27
N ALA B 39 -3.70 -24.59 5.05
CA ALA B 39 -4.09 -25.78 4.24
C ALA B 39 -2.86 -26.39 3.58
N GLU B 40 -2.92 -27.63 3.14
CA GLU B 40 -1.75 -28.16 2.50
C GLU B 40 -1.70 -27.67 1.08
N LEU B 41 -0.50 -27.42 0.64
CA LEU B 41 -0.27 -26.81 -0.69
C LEU B 41 -0.52 -27.83 -1.77
N SER B 42 -0.97 -27.37 -2.93
CA SER B 42 -1.09 -28.25 -4.10
C SER B 42 0.28 -28.32 -4.77
N ASN B 43 0.44 -29.23 -5.73
CA ASN B 43 1.76 -29.36 -6.38
C ASN B 43 2.13 -28.03 -7.06
N GLU B 44 1.19 -27.42 -7.77
CA GLU B 44 1.42 -26.13 -8.47
C GLU B 44 1.75 -25.03 -7.47
N GLU B 45 1.03 -24.97 -6.35
CA GLU B 45 1.29 -23.97 -5.29
C GLU B 45 2.66 -24.23 -4.67
N ARG B 46 3.00 -25.49 -4.46
CA ARG B 46 4.30 -25.91 -3.88
C ARG B 46 5.44 -25.47 -4.80
N ASN B 47 5.25 -25.60 -6.11
CA ASN B 47 6.29 -25.21 -7.10
C ASN B 47 6.46 -23.69 -7.12
N LEU B 48 5.35 -22.96 -6.97
CA LEU B 48 5.40 -21.49 -6.98
C LEU B 48 6.14 -20.99 -5.73
N LEU B 49 5.86 -21.58 -4.58
CA LEU B 49 6.54 -21.16 -3.34
C LEU B 49 8.03 -21.43 -3.48
N SER B 50 8.41 -22.58 -4.03
CA SER B 50 9.83 -22.96 -4.21
C SER B 50 10.56 -22.00 -5.14
N VAL B 51 9.95 -21.65 -6.26
CA VAL B 51 10.57 -20.75 -7.27
C VAL B 51 10.70 -19.34 -6.67
N ALA B 52 9.63 -18.86 -6.04
CA ALA B 52 9.61 -17.54 -5.41
C ALA B 52 10.78 -17.30 -4.48
N TYR B 53 10.95 -18.16 -3.45
CA TYR B 53 12.02 -18.03 -2.45
C TYR B 53 13.42 -18.33 -2.99
N LYS B 54 13.50 -19.15 -4.02
CA LYS B 54 14.82 -19.44 -4.64
C LYS B 54 15.30 -18.15 -5.31
N ASN B 55 14.41 -17.47 -6.01
CA ASN B 55 14.77 -16.19 -6.68
C ASN B 55 15.11 -15.13 -5.62
N VAL B 56 14.31 -15.05 -4.57
CA VAL B 56 14.55 -14.04 -3.50
C VAL B 56 15.89 -14.32 -2.80
N VAL B 57 16.12 -15.57 -2.43
CA VAL B 57 17.39 -15.96 -1.75
C VAL B 57 18.54 -15.89 -2.73
N GLY B 58 18.29 -16.22 -4.00
CA GLY B 58 19.34 -16.26 -5.03
C GLY B 58 19.97 -14.92 -5.25
N ALA B 59 19.18 -13.85 -5.22
CA ALA B 59 19.74 -12.50 -5.43
C ALA B 59 20.85 -12.24 -4.41
N ARG B 60 20.62 -12.61 -3.16
CA ARG B 60 21.56 -12.38 -2.09
C ARG B 60 22.77 -13.30 -2.08
N ARG B 61 22.59 -14.53 -2.51
CA ARG B 61 23.69 -15.46 -2.65
C ARG B 61 24.64 -14.99 -3.72
N SER B 62 24.07 -14.51 -4.82
CA SER B 62 24.87 -13.99 -5.95
C SER B 62 25.61 -12.74 -5.50
N SER B 63 24.91 -11.84 -4.80
CA SER B 63 25.50 -10.59 -4.28
C SER B 63 26.61 -10.94 -3.29
N TRP B 64 26.36 -11.92 -2.45
CA TRP B 64 27.36 -12.33 -1.44
C TRP B 64 28.63 -12.83 -2.13
N ARG B 65 28.47 -13.63 -3.18
CA ARG B 65 29.65 -14.17 -3.91
C ARG B 65 30.42 -13.03 -4.57
N VAL B 66 29.73 -12.07 -5.17
CA VAL B 66 30.44 -10.95 -5.84
C VAL B 66 31.19 -10.12 -4.79
N VAL B 67 30.55 -9.78 -3.68
CA VAL B 67 31.22 -8.94 -2.65
C VAL B 67 32.39 -9.70 -2.03
N SER B 68 32.25 -11.02 -1.84
CA SER B 68 33.35 -11.84 -1.28
C SER B 68 34.55 -11.80 -2.20
N SER B 69 34.30 -11.88 -3.51
CA SER B 69 35.38 -11.83 -4.51
C SER B 69 36.20 -10.56 -4.33
N ILE B 70 35.52 -9.41 -4.28
CA ILE B 70 36.17 -8.13 -4.13
C ILE B 70 36.95 -8.02 -2.84
N GLU B 71 36.33 -8.43 -1.76
CA GLU B 71 36.91 -8.42 -0.41
C GLU B 71 38.26 -9.13 -0.35
N GLN B 72 38.37 -10.26 -1.05
CA GLN B 72 39.63 -10.95 -1.27
C GLN B 72 40.68 -10.26 -2.12
N LYS B 73 40.24 -9.84 -3.31
CA LYS B 73 41.16 -9.22 -4.29
C LYS B 73 41.68 -7.89 -3.79
N THR B 74 41.06 -7.30 -2.76
CA THR B 74 41.55 -5.99 -2.27
C THR B 74 42.61 -6.15 -1.18
N GLU B 75 43.70 -6.84 -1.49
CA GLU B 75 44.80 -7.04 -0.52
C GLU B 75 45.70 -5.79 -0.57
N GLY B 76 45.41 -4.90 -1.51
CA GLY B 76 46.19 -3.67 -1.76
C GLY B 76 45.55 -2.41 -1.17
N ALA B 77 44.43 -2.54 -0.44
CA ALA B 77 43.73 -1.37 0.16
C ALA B 77 43.04 -1.79 1.46
N GLU B 78 43.36 -1.14 2.59
CA GLU B 78 42.78 -1.60 3.87
C GLU B 78 41.35 -1.07 3.98
N LYS B 79 41.12 0.20 3.65
CA LYS B 79 39.74 0.75 3.79
C LYS B 79 38.77 0.09 2.81
N LYS B 80 39.15 -0.10 1.54
CA LYS B 80 38.22 -0.70 0.56
C LYS B 80 37.81 -2.10 1.02
N GLN B 81 38.77 -2.88 1.51
CA GLN B 81 38.53 -4.26 2.00
C GLN B 81 37.57 -4.18 3.19
N GLN B 82 37.77 -3.20 4.07
CA GLN B 82 36.88 -3.01 5.24
C GLN B 82 35.48 -2.68 4.74
N MET B 83 35.36 -1.86 3.69
CA MET B 83 34.03 -1.48 3.17
C MET B 83 33.31 -2.72 2.64
N ALA B 84 34.05 -3.56 1.93
CA ALA B 84 33.50 -4.82 1.37
C ALA B 84 33.03 -5.72 2.51
N ARG B 85 33.82 -5.88 3.55
CA ARG B 85 33.40 -6.71 4.66
C ARG B 85 32.11 -6.24 5.29
N GLU B 86 31.96 -4.94 5.53
CA GLU B 86 30.72 -4.44 6.15
C GLU B 86 29.54 -4.67 5.22
N TYR B 87 29.74 -4.59 3.91
CA TYR B 87 28.64 -4.74 2.98
C TYR B 87 28.21 -6.21 2.88
N ARG B 88 29.22 -7.07 2.92
CA ARG B 88 28.99 -8.52 2.90
C ARG B 88 28.16 -8.88 4.13
N GLU B 89 28.47 -8.29 5.27
CA GLU B 89 27.74 -8.55 6.53
C GLU B 89 26.29 -8.10 6.39
N LYS B 90 26.05 -6.97 5.74
CA LYS B 90 24.66 -6.49 5.55
C LYS B 90 23.90 -7.48 4.67
N ILE B 91 24.54 -7.95 3.61
CA ILE B 91 23.92 -8.92 2.66
C ILE B 91 23.66 -10.23 3.41
N GLU B 92 24.60 -10.65 4.24
CA GLU B 92 24.50 -11.90 5.03
C GLU B 92 23.30 -11.83 5.97
N THR B 93 23.03 -10.66 6.54
CA THR B 93 21.89 -10.47 7.46
C THR B 93 20.58 -10.65 6.70
N GLU B 94 20.47 -10.06 5.51
CA GLU B 94 19.25 -10.19 4.68
C GLU B 94 19.06 -11.66 4.31
N LEU B 95 20.14 -12.34 3.96
CA LEU B 95 20.08 -13.76 3.56
C LEU B 95 19.59 -14.61 4.73
N ARG B 96 20.09 -14.37 5.93
CA ARG B 96 19.67 -15.17 7.11
C ARG B 96 18.18 -14.94 7.38
N ASP B 97 17.69 -13.72 7.23
CA ASP B 97 16.25 -13.45 7.48
C ASP B 97 15.39 -14.24 6.48
N ILE B 98 15.77 -14.23 5.20
CA ILE B 98 15.00 -14.96 4.16
C ILE B 98 15.01 -16.45 4.47
N CYS B 99 16.16 -16.99 4.81
CA CYS B 99 16.28 -18.44 5.11
C CYS B 99 15.45 -18.80 6.34
N ASN B 100 15.54 -17.96 7.38
CA ASN B 100 14.80 -18.20 8.65
C ASN B 100 13.31 -18.15 8.37
N ASP B 101 12.88 -17.23 7.52
CA ASP B 101 11.46 -17.08 7.15
C ASP B 101 11.00 -18.36 6.42
N VAL B 102 11.81 -18.90 5.53
CA VAL B 102 11.46 -20.15 4.79
C VAL B 102 11.42 -21.34 5.76
N LEU B 103 12.43 -21.45 6.62
CA LEU B 103 12.52 -22.56 7.60
C LEU B 103 11.34 -22.48 8.59
N SER B 104 10.89 -21.27 8.92
CA SER B 104 9.73 -21.08 9.81
C SER B 104 8.49 -21.63 9.11
N LEU B 105 8.33 -21.35 7.83
CA LEU B 105 7.15 -21.84 7.09
C LEU B 105 7.18 -23.37 7.07
N LEU B 106 8.36 -23.96 6.87
CA LEU B 106 8.45 -25.43 6.78
C LEU B 106 8.08 -26.08 8.11
N GLU B 107 8.63 -25.60 9.22
CA GLU B 107 8.33 -26.20 10.54
C GLU B 107 6.90 -25.88 10.98
N LYS B 108 6.45 -24.63 10.82
CA LYS B 108 5.10 -24.29 11.31
C LYS B 108 4.00 -24.84 10.40
N PHE B 109 4.21 -24.96 9.09
CA PHE B 109 3.04 -25.43 8.30
C PHE B 109 3.30 -26.49 7.23
N LEU B 110 4.44 -26.47 6.53
CA LEU B 110 4.57 -27.34 5.40
C LEU B 110 4.91 -28.78 5.75
N ILE B 111 5.92 -28.98 6.59
CA ILE B 111 6.38 -30.34 6.94
C ILE B 111 5.31 -31.07 7.76
N PRO B 112 4.69 -30.44 8.77
CA PRO B 112 3.68 -31.09 9.58
C PRO B 112 2.43 -31.52 8.79
N ASN B 113 1.96 -30.66 7.89
CA ASN B 113 0.73 -30.93 7.11
C ASN B 113 1.02 -31.79 5.89
N ALA B 114 2.28 -32.08 5.58
CA ALA B 114 2.56 -32.88 4.37
C ALA B 114 1.93 -34.26 4.56
N SER B 115 1.09 -34.70 3.62
CA SER B 115 0.45 -36.02 3.74
C SER B 115 1.18 -37.06 2.89
N GLN B 116 1.45 -36.74 1.62
CA GLN B 116 2.19 -37.67 0.73
C GLN B 116 3.70 -37.61 0.97
N ALA B 117 4.39 -38.69 0.62
CA ALA B 117 5.86 -38.83 0.76
C ALA B 117 6.54 -37.84 -0.17
N GLU B 118 5.97 -37.63 -1.36
CA GLU B 118 6.52 -36.69 -2.37
C GLU B 118 6.74 -35.33 -1.69
N SER B 119 5.69 -34.76 -1.12
CA SER B 119 5.77 -33.45 -0.43
C SER B 119 6.69 -33.51 0.77
N LYS B 120 6.61 -34.58 1.57
CA LYS B 120 7.49 -34.72 2.74
C LYS B 120 8.95 -34.60 2.28
N VAL B 121 9.32 -35.35 1.26
CA VAL B 121 10.71 -35.33 0.73
C VAL B 121 11.01 -33.93 0.18
N PHE B 122 10.05 -33.34 -0.52
CA PHE B 122 10.27 -32.00 -1.13
C PHE B 122 10.51 -30.96 -0.03
N TYR B 123 9.70 -30.98 1.02
CA TYR B 123 9.88 -30.02 2.14
C TYR B 123 11.17 -30.31 2.91
N LEU B 124 11.47 -31.59 3.12
CA LEU B 124 12.72 -31.95 3.83
C LEU B 124 13.92 -31.52 3.00
N LYS B 125 13.87 -31.71 1.69
CA LYS B 125 14.97 -31.28 0.79
C LYS B 125 15.10 -29.75 0.88
N MET B 126 13.97 -29.06 0.90
CA MET B 126 13.96 -27.59 0.98
C MET B 126 14.60 -27.17 2.30
N LYS B 127 14.32 -27.88 3.38
CA LYS B 127 14.90 -27.58 4.72
C LYS B 127 16.41 -27.76 4.64
N GLY B 128 16.88 -28.82 4.00
CA GLY B 128 18.33 -29.03 3.85
C GLY B 128 18.97 -27.92 3.02
N ASP B 129 18.31 -27.50 1.96
CA ASP B 129 18.81 -26.47 1.09
C ASP B 129 19.00 -25.17 1.81
N TYR B 130 18.00 -24.77 2.57
CA TYR B 130 18.09 -23.51 3.24
C TYR B 130 19.03 -23.48 4.43
N TYR B 131 19.33 -24.63 5.02
CA TYR B 131 20.28 -24.68 6.11
C TYR B 131 21.65 -24.66 5.48
N ARG B 132 21.77 -25.23 4.29
CA ARG B 132 23.03 -25.19 3.52
C ARG B 132 23.37 -23.74 3.20
N TYR B 133 22.37 -22.96 2.79
CA TYR B 133 22.60 -21.53 2.46
C TYR B 133 23.05 -20.79 3.72
N LEU B 134 22.44 -21.10 4.86
CA LEU B 134 22.81 -20.51 6.18
C LEU B 134 24.23 -20.92 6.54
N ALA B 135 24.60 -22.17 6.25
CA ALA B 135 25.94 -22.69 6.56
C ALA B 135 27.02 -21.94 5.80
N GLU B 136 26.73 -21.53 4.56
CA GLU B 136 27.71 -20.81 3.70
C GLU B 136 28.15 -19.49 4.34
N VAL B 137 27.25 -18.78 5.03
CA VAL B 137 27.53 -17.46 5.65
C VAL B 137 27.60 -17.58 7.17
N ALA B 138 27.63 -18.79 7.70
CA ALA B 138 27.62 -19.06 9.15
C ALA B 138 28.94 -18.66 9.82
N ALA B 139 28.85 -18.22 11.08
CA ALA B 139 30.02 -17.87 11.90
C ALA B 139 30.80 -19.15 12.19
N GLY B 140 32.10 -19.05 12.45
CA GLY B 140 32.93 -20.26 12.60
C GLY B 140 32.45 -21.25 13.66
N ASP B 141 32.08 -20.80 14.86
CA ASP B 141 31.59 -21.80 15.84
C ASP B 141 30.23 -22.36 15.44
N ASP B 142 29.34 -21.49 14.96
CA ASP B 142 27.95 -21.84 14.57
C ASP B 142 27.87 -22.79 13.39
N LYS B 143 28.87 -22.81 12.52
CA LYS B 143 28.79 -23.57 11.25
C LYS B 143 28.58 -25.07 11.49
N LYS B 144 29.32 -25.69 12.39
CA LYS B 144 29.20 -27.16 12.60
C LYS B 144 27.77 -27.55 12.96
N GLY B 145 27.11 -26.78 13.82
CA GLY B 145 25.73 -27.15 14.19
C GLY B 145 24.79 -27.01 13.01
N ILE B 146 24.93 -25.91 12.27
CA ILE B 146 24.03 -25.62 11.11
C ILE B 146 24.24 -26.67 10.01
N VAL B 147 25.48 -27.07 9.79
CA VAL B 147 25.83 -28.09 8.76
C VAL B 147 25.15 -29.41 9.13
N ASP B 148 25.15 -29.75 10.41
CA ASP B 148 24.52 -31.01 10.89
C ASP B 148 23.01 -30.96 10.68
N GLN B 149 22.40 -29.79 10.88
CA GLN B 149 20.93 -29.66 10.67
C GLN B 149 20.61 -29.87 9.19
N SER B 150 21.46 -29.34 8.32
CA SER B 150 21.24 -29.49 6.87
C SER B 150 21.34 -30.96 6.51
N GLN B 151 22.37 -31.64 7.01
CA GLN B 151 22.58 -33.05 6.74
C GLN B 151 21.45 -33.92 7.23
N GLN B 152 20.97 -33.65 8.43
CA GLN B 152 19.88 -34.46 9.02
C GLN B 152 18.63 -34.35 8.16
N ALA B 153 18.27 -33.13 7.73
CA ALA B 153 17.06 -32.94 6.89
C ALA B 153 17.23 -33.62 5.55
N TYR B 154 18.40 -33.50 4.93
CA TYR B 154 18.63 -34.14 3.61
C TYR B 154 18.57 -35.65 3.79
N GLN B 155 19.22 -36.15 4.83
CA GLN B 155 19.27 -37.61 5.11
C GLN B 155 17.85 -38.14 5.28
N GLU B 156 17.00 -37.47 6.06
CA GLU B 156 15.63 -37.99 6.23
C GLU B 156 14.92 -38.04 4.88
N ALA B 157 15.07 -36.98 4.07
CA ALA B 157 14.42 -36.91 2.75
C ALA B 157 14.94 -38.04 1.88
N PHE B 158 16.24 -38.27 1.96
CA PHE B 158 16.89 -39.33 1.19
C PHE B 158 16.30 -40.68 1.58
N GLU B 159 16.18 -40.94 2.89
CA GLU B 159 15.66 -42.23 3.39
C GLU B 159 14.22 -42.44 2.92
N ILE B 160 13.38 -41.40 3.04
CA ILE B 160 11.97 -41.52 2.60
C ILE B 160 11.89 -41.73 1.09
N SER B 161 12.69 -41.03 0.31
CA SER B 161 12.61 -41.17 -1.17
C SER B 161 12.99 -42.58 -1.61
N LYS B 162 14.02 -43.17 -1.00
CA LYS B 162 14.45 -44.54 -1.37
C LYS B 162 13.32 -45.53 -1.07
N LYS B 163 12.65 -45.40 0.07
CA LYS B 163 11.52 -46.30 0.42
C LYS B 163 10.26 -46.04 -0.40
N GLU B 164 9.81 -44.79 -0.50
CA GLU B 164 8.49 -44.56 -1.12
C GLU B 164 8.52 -44.08 -2.57
N MET B 165 9.68 -43.85 -3.15
CA MET B 165 9.63 -43.28 -4.53
C MET B 165 10.53 -44.04 -5.50
N GLN B 166 10.15 -44.01 -6.78
CA GLN B 166 10.91 -44.67 -7.85
C GLN B 166 12.22 -43.90 -8.10
N PRO B 167 13.25 -44.55 -8.66
CA PRO B 167 14.53 -43.91 -8.93
C PRO B 167 14.43 -42.76 -9.93
N THR B 168 13.50 -42.85 -10.88
CA THR B 168 13.29 -41.83 -11.94
C THR B 168 12.50 -40.62 -11.42
N HIS B 169 11.93 -40.68 -10.22
CA HIS B 169 11.11 -39.52 -9.77
C HIS B 169 11.98 -38.25 -9.73
N PRO B 170 11.52 -37.14 -10.33
CA PRO B 170 12.30 -35.90 -10.39
C PRO B 170 12.67 -35.34 -9.02
N ILE B 171 11.76 -35.41 -8.05
CA ILE B 171 12.04 -34.89 -6.69
C ILE B 171 13.14 -35.72 -6.05
N ARG B 172 13.08 -37.04 -6.22
CA ARG B 172 14.14 -37.90 -5.73
C ARG B 172 15.46 -37.62 -6.38
N LEU B 173 15.42 -37.46 -7.68
CA LEU B 173 16.60 -37.12 -8.48
C LEU B 173 17.16 -35.74 -8.09
N GLY B 174 16.28 -34.77 -7.89
CA GLY B 174 16.68 -33.45 -7.51
C GLY B 174 17.29 -33.43 -6.15
N LEU B 175 16.76 -34.25 -5.24
CA LEU B 175 17.30 -34.33 -3.86
C LEU B 175 18.71 -34.91 -3.89
N ALA B 176 18.94 -35.92 -4.71
CA ALA B 176 20.28 -36.55 -4.82
C ALA B 176 21.28 -35.52 -5.35
N LEU B 177 20.88 -34.74 -6.34
CA LEU B 177 21.80 -33.73 -6.91
C LEU B 177 22.19 -32.72 -5.84
N ASN B 178 21.21 -32.22 -5.08
CA ASN B 178 21.45 -31.21 -4.03
C ASN B 178 22.25 -31.81 -2.86
N PHE B 179 21.89 -33.01 -2.44
CA PHE B 179 22.55 -33.71 -1.31
C PHE B 179 24.00 -34.00 -1.68
N SER B 180 24.24 -34.45 -2.91
CA SER B 180 25.62 -34.72 -3.36
C SER B 180 26.40 -33.42 -3.34
N VAL B 181 25.78 -32.32 -3.78
CA VAL B 181 26.43 -30.98 -3.77
C VAL B 181 26.71 -30.56 -2.32
N PHE B 182 25.84 -30.91 -1.38
CA PHE B 182 26.07 -30.57 0.05
C PHE B 182 27.35 -31.24 0.54
N TYR B 183 27.56 -32.50 0.16
CA TYR B 183 28.77 -33.24 0.57
C TYR B 183 30.01 -32.59 -0.04
N TYR B 184 29.93 -32.22 -1.31
CA TYR B 184 31.06 -31.63 -1.97
C TYR B 184 31.51 -30.28 -1.43
N GLU B 185 30.59 -29.32 -1.36
CA GLU B 185 30.98 -27.93 -1.01
C GLU B 185 30.89 -27.63 0.48
N ILE B 186 30.02 -28.31 1.21
CA ILE B 186 29.89 -28.01 2.62
C ILE B 186 30.75 -28.91 3.48
N LEU B 187 30.62 -30.22 3.26
CA LEU B 187 31.37 -31.21 4.06
C LEU B 187 32.72 -31.47 3.42
N ASN B 188 32.97 -30.94 2.23
CA ASN B 188 34.25 -31.17 1.53
C ASN B 188 34.52 -32.67 1.44
N SER B 189 33.53 -33.45 0.99
CA SER B 189 33.67 -34.92 0.84
C SER B 189 33.48 -35.26 -0.63
N PRO B 190 34.53 -35.16 -1.46
CA PRO B 190 34.41 -35.40 -2.88
C PRO B 190 33.97 -36.83 -3.19
N GLU B 191 34.44 -37.80 -2.41
CA GLU B 191 34.13 -39.22 -2.64
C GLU B 191 32.63 -39.48 -2.45
N LYS B 192 32.11 -39.12 -1.27
CA LYS B 192 30.69 -39.33 -0.93
C LYS B 192 29.84 -38.60 -1.96
N ALA B 193 30.23 -37.38 -2.31
CA ALA B 193 29.45 -36.58 -3.27
C ALA B 193 29.40 -37.28 -4.62
N CYS B 194 30.52 -37.79 -5.09
CA CYS B 194 30.52 -38.46 -6.42
C CYS B 194 29.73 -39.76 -6.37
N SER B 195 29.92 -40.55 -5.32
CA SER B 195 29.23 -41.85 -5.16
C SER B 195 27.73 -41.63 -5.05
N LEU B 196 27.31 -40.60 -4.30
CA LEU B 196 25.86 -40.33 -4.12
C LEU B 196 25.24 -39.98 -5.47
N ALA B 197 25.88 -39.11 -6.24
CA ALA B 197 25.36 -38.71 -7.56
C ALA B 197 25.39 -39.88 -8.54
N LYS B 198 26.49 -40.63 -8.55
CA LYS B 198 26.69 -41.76 -9.47
C LYS B 198 25.64 -42.84 -9.19
N THR B 199 25.39 -43.11 -7.92
CA THR B 199 24.41 -44.16 -7.59
C THR B 199 23.01 -43.72 -8.05
N ALA B 200 22.67 -42.47 -7.81
CA ALA B 200 21.36 -41.98 -8.12
C ALA B 200 21.13 -42.05 -9.59
N PHE B 201 22.16 -41.73 -10.35
CA PHE B 201 22.10 -41.74 -11.79
C PHE B 201 21.94 -43.12 -12.37
N ASP B 202 22.70 -44.08 -11.86
CA ASP B 202 22.65 -45.43 -12.39
C ASP B 202 21.35 -46.14 -12.11
N GLU B 203 20.81 -45.88 -10.91
CA GLU B 203 19.53 -46.49 -10.52
C GLU B 203 18.43 -45.93 -11.41
N ALA B 204 18.54 -44.66 -11.78
CA ALA B 204 17.57 -44.02 -12.70
C ALA B 204 17.66 -44.68 -14.07
N ILE B 205 18.88 -44.99 -14.49
CA ILE B 205 19.15 -45.56 -15.84
C ILE B 205 18.44 -46.91 -15.99
N ALA B 206 18.41 -47.71 -14.94
CA ALA B 206 17.79 -49.05 -14.99
C ALA B 206 16.28 -48.97 -15.29
N GLU B 207 15.58 -47.95 -14.80
CA GLU B 207 14.11 -47.85 -14.97
C GLU B 207 13.69 -46.90 -16.08
N LEU B 208 14.60 -46.46 -16.96
CA LEU B 208 14.23 -45.51 -18.04
C LEU B 208 13.19 -46.11 -19.00
N ASP B 209 13.25 -47.42 -19.23
CA ASP B 209 12.31 -48.15 -20.14
C ASP B 209 10.86 -48.05 -19.66
N THR B 210 10.63 -47.98 -18.34
CA THR B 210 9.27 -47.95 -17.75
C THR B 210 8.65 -46.55 -17.75
N LEU B 211 9.34 -45.58 -18.33
CA LEU B 211 8.88 -44.16 -18.27
C LEU B 211 8.07 -43.75 -19.50
N SER B 212 7.08 -42.88 -19.26
CA SER B 212 6.25 -42.30 -20.33
C SER B 212 7.03 -41.15 -20.98
N GLU B 213 6.52 -40.64 -22.09
CA GLU B 213 7.25 -39.59 -22.82
C GLU B 213 7.39 -38.34 -21.93
N GLU B 214 6.34 -37.97 -21.20
CA GLU B 214 6.39 -36.75 -20.32
C GLU B 214 7.38 -36.93 -19.16
N SER B 215 7.35 -38.05 -18.45
CA SER B 215 8.25 -38.19 -17.34
C SER B 215 9.66 -38.35 -17.83
N TYR B 216 9.81 -38.50 -19.14
CA TYR B 216 11.13 -38.72 -19.69
C TYR B 216 11.96 -37.44 -19.79
N LYS B 217 11.34 -36.37 -20.24
CA LYS B 217 12.01 -35.13 -20.27
C LYS B 217 12.35 -34.82 -18.85
N ASP B 218 11.40 -34.96 -17.96
CA ASP B 218 11.60 -34.54 -16.59
C ASP B 218 12.75 -35.26 -15.91
N SER B 219 12.89 -36.56 -16.13
CA SER B 219 13.91 -37.31 -15.44
C SER B 219 15.30 -37.12 -16.02
N THR B 220 15.39 -37.23 -17.33
CA THR B 220 16.65 -37.10 -18.09
C THR B 220 17.27 -35.70 -17.96
N LEU B 221 16.44 -34.69 -17.71
CA LEU B 221 16.94 -33.31 -17.53
C LEU B 221 17.81 -33.29 -16.27
N ILE B 222 17.25 -33.79 -15.16
CA ILE B 222 17.97 -33.84 -13.86
C ILE B 222 19.15 -34.81 -13.92
N MET B 223 18.99 -35.94 -14.60
CA MET B 223 20.09 -36.93 -14.71
C MET B 223 21.27 -36.28 -15.45
N GLN B 224 20.99 -35.38 -16.38
CA GLN B 224 22.05 -34.68 -17.06
C GLN B 224 22.77 -33.74 -16.14
N LEU B 225 22.03 -33.11 -15.24
CA LEU B 225 22.62 -32.20 -14.25
C LEU B 225 23.54 -32.97 -13.32
N LEU B 226 23.17 -34.22 -13.03
CA LEU B 226 24.00 -35.13 -12.19
C LEU B 226 25.27 -35.46 -12.96
N ARG B 227 25.13 -35.78 -14.24
CA ARG B 227 26.27 -36.11 -15.12
C ARG B 227 27.19 -34.89 -15.25
N ASP B 228 26.61 -33.70 -15.37
CA ASP B 228 27.41 -32.45 -15.49
C ASP B 228 28.23 -32.24 -14.22
N ASN B 229 27.64 -32.48 -13.06
CA ASN B 229 28.35 -32.28 -11.78
C ASN B 229 29.50 -33.28 -11.65
N LEU B 230 29.21 -34.54 -11.91
CA LEU B 230 30.22 -35.64 -11.84
C LEU B 230 31.36 -35.29 -12.78
N THR B 231 31.05 -34.82 -13.97
CA THR B 231 32.13 -34.48 -14.94
C THR B 231 33.00 -33.37 -14.35
N LEU B 232 32.37 -32.38 -13.73
CA LEU B 232 33.07 -31.24 -13.08
C LEU B 232 34.03 -31.78 -12.03
N TRP B 233 33.51 -32.68 -11.18
CA TRP B 233 34.22 -33.31 -10.03
C TRP B 233 35.24 -34.37 -10.46
N THR B 234 34.93 -35.15 -11.49
CA THR B 234 35.81 -36.27 -11.93
C THR B 234 36.81 -35.80 -12.99
N SER B 235 36.62 -34.61 -13.54
CA SER B 235 37.53 -34.13 -14.60
C SER B 235 37.65 -32.60 -14.55
N MET C 6 -28.15 -10.95 -2.73
CA MET C 6 -28.37 -12.36 -2.28
C MET C 6 -29.81 -12.56 -1.80
N ASP C 7 -30.00 -12.78 -0.50
CA ASP C 7 -31.32 -13.09 0.09
C ASP C 7 -31.90 -11.86 0.82
N LYS C 8 -33.16 -11.54 0.54
CA LYS C 8 -33.88 -10.41 1.18
C LYS C 8 -34.10 -10.78 2.65
N ASN C 9 -34.10 -9.77 3.52
CA ASN C 9 -34.24 -9.92 4.99
C ASN C 9 -32.97 -10.56 5.53
N GLU C 10 -32.13 -11.15 4.68
CA GLU C 10 -30.83 -11.63 5.20
C GLU C 10 -29.94 -10.39 5.09
N LEU C 11 -30.04 -9.71 3.96
CA LEU C 11 -29.35 -8.41 3.71
C LEU C 11 -29.91 -7.36 4.67
N VAL C 12 -31.21 -7.39 4.90
CA VAL C 12 -31.86 -6.41 5.82
C VAL C 12 -31.25 -6.58 7.21
N GLN C 13 -31.07 -7.84 7.65
CA GLN C 13 -30.46 -8.09 8.97
C GLN C 13 -29.01 -7.59 8.94
N LYS C 14 -28.35 -7.72 7.79
CA LYS C 14 -26.99 -7.26 7.68
C LYS C 14 -26.93 -5.74 7.78
N ALA C 15 -27.84 -5.08 7.08
CA ALA C 15 -27.89 -3.64 7.06
C ALA C 15 -28.06 -3.06 8.44
N LYS C 16 -28.93 -3.70 9.19
CA LYS C 16 -29.17 -3.28 10.54
C LYS C 16 -27.92 -3.43 11.36
N LEU C 17 -27.16 -4.49 11.13
CA LEU C 17 -25.90 -4.65 11.79
C LEU C 17 -24.93 -3.58 11.39
N ALA C 18 -24.86 -3.27 10.11
CA ALA C 18 -23.95 -2.23 9.64
C ALA C 18 -24.29 -0.87 10.20
N GLU C 19 -25.57 -0.60 10.32
CA GLU C 19 -26.00 0.67 10.83
C GLU C 19 -25.57 0.82 12.25
N GLN C 20 -25.66 -0.26 12.99
CA GLN C 20 -25.28 -0.21 14.37
C GLN C 20 -23.79 -0.03 14.53
N ALA C 21 -23.02 -0.56 13.59
CA ALA C 21 -21.57 -0.52 13.66
C ALA C 21 -21.03 0.72 12.99
N GLU C 22 -21.96 1.53 12.48
CA GLU C 22 -21.68 2.81 11.78
C GLU C 22 -20.87 2.58 10.50
N ARG C 23 -21.00 1.41 9.91
CA ARG C 23 -20.35 1.11 8.61
C ARG C 23 -21.39 1.41 7.54
N TYR C 24 -21.57 2.68 7.21
CA TYR C 24 -22.64 3.13 6.29
C TYR C 24 -22.45 2.59 4.87
N ASP C 25 -21.22 2.52 4.39
CA ASP C 25 -20.95 1.99 3.04
C ASP C 25 -21.59 0.62 2.89
N ASP C 26 -21.45 -0.23 3.90
CA ASP C 26 -21.98 -1.58 3.85
C ASP C 26 -23.49 -1.57 3.92
N MET C 27 -24.02 -0.72 4.77
CA MET C 27 -25.46 -0.52 4.97
C MET C 27 -26.13 -0.14 3.64
N ALA C 28 -25.50 0.79 2.88
CA ALA C 28 -25.97 1.24 1.57
C ALA C 28 -25.90 0.14 0.50
N ALA C 29 -24.81 -0.67 0.51
CA ALA C 29 -24.61 -1.80 -0.42
C ALA C 29 -25.65 -2.88 -0.20
N CYS C 30 -26.03 -3.08 1.05
CA CYS C 30 -27.04 -4.10 1.41
C CYS C 30 -28.42 -3.64 0.92
N MET C 31 -28.78 -2.39 1.25
CA MET C 31 -30.09 -1.83 0.84
C MET C 31 -30.18 -1.71 -0.68
N LYS C 32 -29.10 -1.35 -1.36
CA LYS C 32 -29.14 -1.27 -2.84
C LYS C 32 -29.42 -2.66 -3.42
N SER C 33 -28.81 -3.71 -2.85
CA SER C 33 -29.01 -5.10 -3.32
C SER C 33 -30.46 -5.53 -3.15
N VAL C 34 -31.06 -5.19 -2.01
CA VAL C 34 -32.47 -5.57 -1.73
C VAL C 34 -33.37 -4.92 -2.79
N THR C 35 -33.12 -3.65 -3.10
CA THR C 35 -33.90 -2.91 -4.11
C THR C 35 -33.70 -3.50 -5.50
N GLU C 36 -32.45 -3.80 -5.87
CA GLU C 36 -32.13 -4.29 -7.23
C GLU C 36 -32.81 -5.64 -7.49
N GLN C 37 -33.42 -6.21 -6.46
CA GLN C 37 -34.14 -7.47 -6.60
C GLN C 37 -35.53 -7.31 -7.17
N GLY C 38 -35.88 -6.05 -7.40
CA GLY C 38 -37.11 -5.68 -8.05
C GLY C 38 -38.22 -5.35 -7.10
N ALA C 39 -38.26 -6.05 -5.99
CA ALA C 39 -39.38 -5.98 -5.06
C ALA C 39 -39.62 -4.64 -4.36
N GLU C 40 -40.81 -4.53 -3.78
CA GLU C 40 -41.33 -3.33 -3.15
C GLU C 40 -40.85 -3.28 -1.73
N LEU C 41 -40.16 -2.20 -1.39
CA LEU C 41 -39.63 -2.01 -0.06
C LEU C 41 -40.72 -1.76 0.91
N SER C 42 -40.54 -2.27 2.12
CA SER C 42 -41.39 -1.94 3.24
C SER C 42 -40.94 -0.62 3.82
N ASN C 43 -41.69 -0.09 4.78
CA ASN C 43 -41.35 1.18 5.37
C ASN C 43 -40.03 1.04 6.08
N GLU C 44 -39.87 -0.08 6.78
CA GLU C 44 -38.64 -0.38 7.54
C GLU C 44 -37.46 -0.38 6.58
N GLU C 45 -37.58 -1.11 5.47
CA GLU C 45 -36.53 -1.18 4.44
C GLU C 45 -36.32 0.19 3.80
N ARG C 46 -37.41 0.90 3.55
CA ARG C 46 -37.31 2.24 2.90
C ARG C 46 -36.48 3.15 3.82
N ASN C 47 -36.75 3.12 5.12
CA ASN C 47 -36.01 3.98 6.08
C ASN C 47 -34.53 3.59 6.12
N LEU C 48 -34.24 2.29 6.09
CA LEU C 48 -32.83 1.84 6.14
C LEU C 48 -32.10 2.38 4.90
N LEU C 49 -32.74 2.31 3.74
CA LEU C 49 -32.10 2.82 2.50
C LEU C 49 -31.85 4.31 2.63
N SER C 50 -32.82 5.05 3.16
CA SER C 50 -32.73 6.52 3.29
C SER C 50 -31.62 6.92 4.27
N VAL C 51 -31.55 6.24 5.41
CA VAL C 51 -30.53 6.56 6.44
C VAL C 51 -29.15 6.21 5.89
N ALA C 52 -29.06 5.04 5.26
CA ALA C 52 -27.79 4.57 4.70
C ALA C 52 -27.14 5.59 3.76
N TYR C 53 -27.87 5.98 2.72
CA TYR C 53 -27.34 6.91 1.71
C TYR C 53 -27.18 8.33 2.27
N LYS C 54 -28.02 8.74 3.21
CA LYS C 54 -27.86 10.12 3.76
C LYS C 54 -26.53 10.20 4.50
N ASN C 55 -26.18 9.14 5.21
CA ASN C 55 -24.95 9.11 5.91
C ASN C 55 -23.78 9.08 4.95
N VAL C 56 -23.88 8.29 3.88
CA VAL C 56 -22.78 8.19 2.89
C VAL C 56 -22.55 9.52 2.15
N VAL C 57 -23.62 10.14 1.65
CA VAL C 57 -23.47 11.42 0.92
C VAL C 57 -23.13 12.55 1.90
N GLY C 58 -23.71 12.50 3.09
CA GLY C 58 -23.51 13.52 4.14
C GLY C 58 -22.06 13.74 4.48
N ALA C 59 -21.27 12.66 4.59
CA ALA C 59 -19.87 12.80 4.90
C ALA C 59 -19.21 13.72 3.90
N ARG C 60 -19.52 13.53 2.64
CA ARG C 60 -18.90 14.32 1.61
C ARG C 60 -19.37 15.78 1.63
N ARG C 61 -20.66 16.00 1.82
CA ARG C 61 -21.17 17.39 1.88
C ARG C 61 -20.48 18.11 3.02
N SER C 62 -20.38 17.46 4.18
CA SER C 62 -19.74 18.08 5.36
C SER C 62 -18.27 18.39 5.05
N SER C 63 -17.58 17.44 4.41
CA SER C 63 -16.17 17.63 4.01
C SER C 63 -16.12 18.76 3.00
N TRP C 64 -17.07 18.76 2.06
CA TRP C 64 -17.09 19.78 0.98
C TRP C 64 -17.18 21.17 1.60
N ARG C 65 -17.99 21.35 2.63
CA ARG C 65 -18.10 22.70 3.25
C ARG C 65 -16.77 23.05 3.91
N VAL C 66 -16.16 22.10 4.60
CA VAL C 66 -14.89 22.40 5.33
C VAL C 66 -13.79 22.78 4.34
N VAL C 67 -13.64 22.02 3.27
CA VAL C 67 -12.57 22.32 2.27
C VAL C 67 -12.85 23.67 1.61
N SER C 68 -14.11 23.90 1.24
CA SER C 68 -14.53 25.14 0.55
C SER C 68 -14.29 26.35 1.44
N SER C 69 -14.60 26.24 2.73
CA SER C 69 -14.38 27.37 3.65
C SER C 69 -12.88 27.68 3.69
N ILE C 70 -12.05 26.64 3.76
CA ILE C 70 -10.57 26.81 3.84
C ILE C 70 -10.07 27.46 2.55
N GLU C 71 -10.54 26.98 1.41
CA GLU C 71 -10.14 27.51 0.08
C GLU C 71 -10.41 29.01 0.02
N GLN C 72 -11.62 29.44 0.37
CA GLN C 72 -12.01 30.87 0.35
C GLN C 72 -11.18 31.65 1.36
N LYS C 73 -10.87 31.04 2.50
CA LYS C 73 -10.14 31.74 3.60
C LYS C 73 -8.71 32.11 3.20
N THR C 74 -8.09 31.36 2.30
CA THR C 74 -6.68 31.67 1.94
C THR C 74 -6.53 32.26 0.53
N GLU C 75 -5.73 33.31 0.40
CA GLU C 75 -5.41 33.96 -0.90
C GLU C 75 -3.95 33.61 -1.27
N GLY C 76 -3.76 32.75 -2.28
CA GLY C 76 -2.40 32.31 -2.63
C GLY C 76 -2.03 31.00 -1.93
N GLN C 82 -5.12 25.85 -4.44
CA GLN C 82 -5.04 24.91 -5.60
C GLN C 82 -5.11 23.48 -5.05
N MET C 83 -4.50 23.24 -3.90
CA MET C 83 -4.66 21.89 -3.29
C MET C 83 -6.13 21.80 -2.88
N ALA C 84 -6.63 22.86 -2.25
CA ALA C 84 -8.03 22.85 -1.78
C ALA C 84 -8.96 22.61 -2.97
N ARG C 85 -8.72 23.29 -4.09
CA ARG C 85 -9.57 23.16 -5.30
C ARG C 85 -9.46 21.73 -5.84
N GLU C 86 -8.25 21.17 -5.79
CA GLU C 86 -7.98 19.79 -6.28
C GLU C 86 -8.77 18.78 -5.44
N TYR C 87 -8.71 18.94 -4.13
CA TYR C 87 -9.37 18.09 -3.11
C TYR C 87 -10.88 18.28 -3.19
N ARG C 88 -11.32 19.52 -3.34
CA ARG C 88 -12.77 19.81 -3.41
C ARG C 88 -13.36 19.07 -4.60
N GLU C 89 -12.68 19.10 -5.75
CA GLU C 89 -13.15 18.40 -6.96
C GLU C 89 -13.18 16.89 -6.71
N LYS C 90 -12.17 16.38 -6.01
CA LYS C 90 -12.11 14.93 -5.72
C LYS C 90 -13.33 14.55 -4.88
N ILE C 91 -13.63 15.35 -3.88
CA ILE C 91 -14.81 15.09 -3.02
C ILE C 91 -16.06 15.18 -3.89
N GLU C 92 -16.13 16.19 -4.75
CA GLU C 92 -17.30 16.45 -5.62
C GLU C 92 -17.59 15.26 -6.54
N THR C 93 -16.57 14.52 -6.92
CA THR C 93 -16.77 13.41 -7.83
C THR C 93 -17.29 12.25 -7.06
N GLU C 94 -16.84 12.13 -5.83
CA GLU C 94 -17.29 11.10 -4.93
C GLU C 94 -18.78 11.38 -4.69
N LEU C 95 -19.11 12.62 -4.45
CA LEU C 95 -20.49 12.98 -4.20
C LEU C 95 -21.41 12.62 -5.36
N ARG C 96 -20.98 12.97 -6.56
CA ARG C 96 -21.76 12.74 -7.75
C ARG C 96 -21.99 11.28 -7.97
N ASP C 97 -21.03 10.47 -7.57
CA ASP C 97 -21.11 9.04 -7.77
C ASP C 97 -22.20 8.45 -6.92
N ILE C 98 -22.33 8.97 -5.72
CA ILE C 98 -23.32 8.52 -4.77
C ILE C 98 -24.68 8.98 -5.19
N CYS C 99 -24.80 10.28 -5.50
CA CYS C 99 -26.10 10.85 -5.94
C CYS C 99 -26.62 10.11 -7.17
N ASN C 100 -25.76 9.86 -8.15
CA ASN C 100 -26.15 9.15 -9.40
C ASN C 100 -26.61 7.74 -9.05
N ASP C 101 -25.91 7.10 -8.13
CA ASP C 101 -26.26 5.73 -7.69
C ASP C 101 -27.66 5.73 -7.07
N VAL C 102 -27.96 6.69 -6.20
CA VAL C 102 -29.30 6.76 -5.54
C VAL C 102 -30.37 7.10 -6.56
N LEU C 103 -30.10 8.05 -7.45
CA LEU C 103 -31.10 8.47 -8.45
C LEU C 103 -31.45 7.30 -9.37
N SER C 104 -30.44 6.53 -9.76
CA SER C 104 -30.71 5.33 -10.60
C SER C 104 -31.67 4.38 -9.89
N LEU C 105 -31.40 4.03 -8.63
CA LEU C 105 -32.30 3.14 -7.93
C LEU C 105 -33.72 3.67 -7.91
N LEU C 106 -33.86 4.98 -7.74
CA LEU C 106 -35.20 5.64 -7.67
C LEU C 106 -35.91 5.54 -9.03
N GLU C 107 -35.22 5.96 -10.10
CA GLU C 107 -35.80 6.02 -11.45
C GLU C 107 -36.04 4.63 -12.07
N LYS C 108 -35.33 3.61 -11.59
CA LYS C 108 -35.45 2.25 -12.18
C LYS C 108 -36.32 1.31 -11.35
N PHE C 109 -36.18 1.34 -10.03
CA PHE C 109 -36.92 0.40 -9.21
C PHE C 109 -37.92 1.01 -8.25
N LEU C 110 -37.58 2.12 -7.61
CA LEU C 110 -38.45 2.63 -6.52
C LEU C 110 -39.70 3.37 -7.01
N ILE C 111 -39.53 4.42 -7.82
CA ILE C 111 -40.68 5.23 -8.31
C ILE C 111 -41.63 4.43 -9.18
N PRO C 112 -41.15 3.57 -10.09
CA PRO C 112 -42.03 2.77 -10.95
C PRO C 112 -42.93 1.83 -10.16
N ASN C 113 -42.42 1.25 -9.08
CA ASN C 113 -43.21 0.30 -8.27
C ASN C 113 -43.89 1.04 -7.14
N ALA C 114 -44.02 2.36 -7.25
CA ALA C 114 -44.66 3.10 -6.15
C ALA C 114 -46.18 3.02 -6.35
N SER C 115 -46.81 2.14 -5.59
CA SER C 115 -48.26 1.85 -5.70
C SER C 115 -49.07 2.76 -4.78
N GLN C 116 -48.42 3.42 -3.82
CA GLN C 116 -49.21 4.28 -2.92
C GLN C 116 -48.61 5.69 -2.89
N ALA C 117 -49.45 6.67 -2.61
CA ALA C 117 -49.01 8.09 -2.58
C ALA C 117 -47.94 8.28 -1.51
N GLU C 118 -48.10 7.65 -0.35
CA GLU C 118 -47.13 7.85 0.74
C GLU C 118 -45.74 7.42 0.26
N SER C 119 -45.66 6.26 -0.39
CA SER C 119 -44.37 5.80 -0.96
C SER C 119 -43.95 6.72 -2.10
N LYS C 120 -44.91 7.15 -2.92
CA LYS C 120 -44.54 8.01 -4.07
C LYS C 120 -43.89 9.29 -3.57
N VAL C 121 -44.49 9.91 -2.55
CA VAL C 121 -43.97 11.20 -2.03
C VAL C 121 -42.55 10.99 -1.49
N PHE C 122 -42.36 9.91 -0.74
CA PHE C 122 -41.07 9.60 -0.12
C PHE C 122 -39.94 9.51 -1.13
N TYR C 123 -40.20 8.90 -2.27
CA TYR C 123 -39.18 8.68 -3.28
C TYR C 123 -38.98 9.85 -4.22
N LEU C 124 -40.00 10.68 -4.33
CA LEU C 124 -39.89 11.88 -5.12
C LEU C 124 -39.19 12.98 -4.33
N LYS C 125 -39.41 12.98 -3.04
CA LYS C 125 -38.72 13.91 -2.12
C LYS C 125 -37.22 13.56 -2.16
N MET C 126 -36.91 12.25 -2.07
CA MET C 126 -35.56 11.69 -2.14
C MET C 126 -34.89 12.05 -3.46
N LYS C 127 -35.68 12.02 -4.54
CA LYS C 127 -35.20 12.38 -5.89
C LYS C 127 -34.85 13.87 -5.88
N GLY C 128 -35.71 14.67 -5.27
CA GLY C 128 -35.45 16.11 -5.15
C GLY C 128 -34.23 16.39 -4.30
N ASP C 129 -34.06 15.67 -3.21
CA ASP C 129 -32.94 15.88 -2.33
C ASP C 129 -31.64 15.64 -3.05
N TYR C 130 -31.52 14.51 -3.71
CA TYR C 130 -30.27 14.19 -4.37
C TYR C 130 -29.94 15.02 -5.58
N TYR C 131 -30.93 15.61 -6.23
CA TYR C 131 -30.65 16.46 -7.35
C TYR C 131 -30.20 17.79 -6.78
N ARG C 132 -30.72 18.14 -5.62
CA ARG C 132 -30.35 19.35 -4.88
C ARG C 132 -28.88 19.26 -4.46
N TYR C 133 -28.42 18.07 -4.03
CA TYR C 133 -27.01 17.85 -3.64
C TYR C 133 -26.12 17.94 -4.88
N LEU C 134 -26.60 17.47 -6.05
CA LEU C 134 -25.88 17.56 -7.31
C LEU C 134 -25.77 19.01 -7.77
N ALA C 135 -26.81 19.79 -7.56
CA ALA C 135 -26.85 21.18 -7.96
C ALA C 135 -25.93 22.03 -7.14
N GLU C 136 -25.51 21.52 -6.02
CA GLU C 136 -24.68 22.29 -5.13
C GLU C 136 -23.27 22.36 -5.67
N VAL C 137 -22.89 21.32 -6.39
CA VAL C 137 -21.54 21.13 -6.88
C VAL C 137 -21.50 20.98 -8.39
N ALA C 138 -22.57 21.43 -9.03
CA ALA C 138 -22.71 21.37 -10.47
C ALA C 138 -21.78 22.29 -11.24
N ALA C 139 -21.44 21.88 -12.44
CA ALA C 139 -20.75 22.74 -13.40
C ALA C 139 -21.72 23.82 -13.81
N GLY C 140 -21.21 25.05 -13.89
CA GLY C 140 -22.01 26.25 -14.23
C GLY C 140 -23.01 26.05 -15.36
N ASP C 141 -22.64 25.28 -16.38
CA ASP C 141 -23.51 25.11 -17.57
C ASP C 141 -24.40 23.89 -17.39
N ASP C 142 -24.15 23.10 -16.34
CA ASP C 142 -25.02 21.92 -16.10
C ASP C 142 -25.99 22.23 -14.96
N LYS C 143 -25.76 23.33 -14.25
CA LYS C 143 -26.52 23.69 -13.01
C LYS C 143 -28.02 23.90 -13.24
N LYS C 144 -28.41 24.66 -14.27
CA LYS C 144 -29.85 24.98 -14.45
C LYS C 144 -30.68 23.71 -14.68
N GLY C 145 -30.19 22.78 -15.50
CA GLY C 145 -30.94 21.54 -15.79
C GLY C 145 -31.12 20.65 -14.57
N ILE C 146 -30.08 20.52 -13.74
CA ILE C 146 -30.14 19.70 -12.50
C ILE C 146 -31.11 20.34 -11.50
N VAL C 147 -31.03 21.66 -11.39
CA VAL C 147 -31.90 22.43 -10.45
C VAL C 147 -33.36 22.18 -10.82
N ASP C 148 -33.72 22.38 -12.08
CA ASP C 148 -35.08 22.19 -12.47
C ASP C 148 -35.51 20.79 -12.21
N GLN C 149 -34.58 19.86 -12.31
CA GLN C 149 -34.95 18.49 -12.06
C GLN C 149 -35.21 18.20 -10.59
N SER C 150 -34.65 19.03 -9.72
CA SER C 150 -34.92 18.94 -8.31
C SER C 150 -36.30 19.50 -8.05
N GLN C 151 -36.54 20.71 -8.52
CA GLN C 151 -37.82 21.34 -8.32
C GLN C 151 -38.98 20.51 -8.83
N GLN C 152 -38.81 19.91 -9.99
CA GLN C 152 -39.85 19.08 -10.58
C GLN C 152 -40.24 17.87 -9.73
N ALA C 153 -39.24 17.23 -9.15
CA ALA C 153 -39.41 16.08 -8.25
C ALA C 153 -40.09 16.51 -6.94
N TYR C 154 -39.65 17.66 -6.38
CA TYR C 154 -40.20 18.23 -5.15
C TYR C 154 -41.65 18.68 -5.35
N GLN C 155 -41.91 19.37 -6.45
CA GLN C 155 -43.23 19.85 -6.78
C GLN C 155 -44.23 18.73 -7.01
N GLU C 156 -43.82 17.71 -7.72
CA GLU C 156 -44.62 16.53 -7.93
C GLU C 156 -44.99 15.81 -6.64
N ALA C 157 -44.05 15.69 -5.72
CA ALA C 157 -44.35 15.13 -4.43
C ALA C 157 -45.22 16.07 -3.64
N PHE C 158 -44.93 17.36 -3.75
CA PHE C 158 -45.71 18.38 -3.02
C PHE C 158 -47.17 18.26 -3.42
N GLU C 159 -47.43 18.14 -4.73
CA GLU C 159 -48.80 18.05 -5.26
C GLU C 159 -49.49 16.80 -4.71
N ILE C 160 -48.81 15.65 -4.73
CA ILE C 160 -49.44 14.41 -4.19
C ILE C 160 -49.64 14.53 -2.69
N SER C 161 -48.66 15.06 -1.96
CA SER C 161 -48.80 15.14 -0.48
C SER C 161 -50.00 16.00 -0.09
N LYS C 162 -50.21 17.09 -0.82
CA LYS C 162 -51.32 18.05 -0.55
C LYS C 162 -52.67 17.36 -0.79
N LYS C 163 -52.75 16.54 -1.83
CA LYS C 163 -54.02 15.88 -2.20
C LYS C 163 -54.22 14.52 -1.52
N GLU C 164 -53.20 13.92 -0.91
CA GLU C 164 -53.44 12.55 -0.39
C GLU C 164 -53.02 12.36 1.07
N MET C 165 -52.22 13.25 1.64
CA MET C 165 -51.77 13.05 2.99
C MET C 165 -52.22 14.14 3.91
N GLN C 166 -52.37 13.83 5.18
CA GLN C 166 -52.76 14.81 6.15
C GLN C 166 -51.60 15.77 6.39
N PRO C 167 -51.83 16.97 6.91
CA PRO C 167 -50.68 17.88 6.99
C PRO C 167 -49.74 17.55 8.11
N THR C 168 -50.15 16.63 8.98
CA THR C 168 -49.29 16.25 10.12
C THR C 168 -48.45 15.03 9.73
N HIS C 169 -48.65 14.48 8.54
CA HIS C 169 -47.84 13.30 8.18
C HIS C 169 -46.37 13.71 8.12
N PRO C 170 -45.46 12.97 8.79
CA PRO C 170 -44.05 13.33 8.81
C PRO C 170 -43.43 13.37 7.42
N ILE C 171 -43.81 12.47 6.54
CA ILE C 171 -43.23 12.50 5.17
C ILE C 171 -43.61 13.82 4.50
N ARG C 172 -44.84 14.30 4.70
CA ARG C 172 -45.24 15.55 4.09
C ARG C 172 -44.56 16.72 4.79
N LEU C 173 -44.46 16.67 6.09
CA LEU C 173 -43.79 17.73 6.78
C LEU C 173 -42.31 17.78 6.45
N GLY C 174 -41.69 16.61 6.36
CA GLY C 174 -40.28 16.48 5.98
C GLY C 174 -39.99 16.98 4.59
N LEU C 175 -40.96 16.86 3.70
CA LEU C 175 -40.80 17.34 2.35
C LEU C 175 -40.91 18.84 2.26
N ALA C 176 -41.85 19.42 2.99
CA ALA C 176 -42.00 20.87 3.04
C ALA C 176 -40.74 21.54 3.60
N LEU C 177 -40.11 20.90 4.58
CA LEU C 177 -38.87 21.41 5.19
C LEU C 177 -37.77 21.46 4.13
N ASN C 178 -37.52 20.36 3.44
CA ASN C 178 -36.47 20.25 2.39
C ASN C 178 -36.78 21.14 1.20
N PHE C 179 -38.05 21.19 0.78
CA PHE C 179 -38.48 22.05 -0.36
C PHE C 179 -38.26 23.51 0.03
N SER C 180 -38.54 23.87 1.27
CA SER C 180 -38.34 25.25 1.76
C SER C 180 -36.86 25.60 1.66
N VAL C 181 -36.00 24.67 2.08
CA VAL C 181 -34.53 24.85 2.07
C VAL C 181 -34.03 25.01 0.62
N PHE C 182 -34.64 24.27 -0.30
CA PHE C 182 -34.30 24.34 -1.74
C PHE C 182 -34.56 25.76 -2.26
N TYR C 183 -35.65 26.40 -1.83
CA TYR C 183 -35.97 27.78 -2.28
C TYR C 183 -34.97 28.78 -1.70
N TYR C 184 -34.60 28.62 -0.43
CA TYR C 184 -33.73 29.55 0.23
C TYR C 184 -32.28 29.42 -0.17
N GLU C 185 -31.87 28.22 -0.49
CA GLU C 185 -30.46 27.92 -0.69
C GLU C 185 -30.08 27.77 -2.15
N ILE C 186 -30.97 27.18 -2.91
CA ILE C 186 -30.68 26.82 -4.29
C ILE C 186 -31.24 27.84 -5.26
N LEU C 187 -32.45 28.35 -4.97
CA LEU C 187 -33.10 29.33 -5.82
C LEU C 187 -32.99 30.73 -5.28
N ASN C 188 -32.30 30.82 -4.14
CA ASN C 188 -32.06 32.09 -3.43
C ASN C 188 -33.34 32.93 -3.31
N SER C 189 -34.45 32.32 -2.94
CA SER C 189 -35.73 33.06 -2.76
C SER C 189 -36.14 32.97 -1.29
N PRO C 190 -35.77 33.94 -0.44
CA PRO C 190 -36.06 33.90 0.98
C PRO C 190 -37.55 33.94 1.34
N GLU C 191 -38.33 34.76 0.62
CA GLU C 191 -39.78 34.86 0.90
C GLU C 191 -40.49 33.55 0.53
N LYS C 192 -40.14 32.97 -0.61
CA LYS C 192 -40.78 31.70 -1.04
C LYS C 192 -40.45 30.60 -0.02
N ALA C 193 -39.22 30.57 0.46
CA ALA C 193 -38.81 29.55 1.44
C ALA C 193 -39.59 29.69 2.75
N CYS C 194 -39.74 30.92 3.24
CA CYS C 194 -40.45 31.14 4.51
C CYS C 194 -41.93 30.81 4.35
N SER C 195 -42.55 31.38 3.34
CA SER C 195 -43.97 31.14 3.04
C SER C 195 -44.32 29.65 3.05
N LEU C 196 -43.50 28.84 2.41
CA LEU C 196 -43.70 27.41 2.30
C LEU C 196 -43.62 26.71 3.64
N ALA C 197 -42.60 27.02 4.39
CA ALA C 197 -42.37 26.44 5.72
C ALA C 197 -43.41 26.92 6.75
N LYS C 198 -43.88 28.14 6.63
CA LYS C 198 -44.85 28.69 7.52
C LYS C 198 -46.22 28.07 7.31
N THR C 199 -46.62 27.98 6.06
CA THR C 199 -47.89 27.37 5.66
C THR C 199 -47.97 25.91 6.12
N ALA C 200 -46.87 25.15 5.95
CA ALA C 200 -46.78 23.74 6.35
C ALA C 200 -46.88 23.58 7.86
N PHE C 201 -46.34 24.53 8.59
CA PHE C 201 -46.39 24.52 10.02
C PHE C 201 -47.77 24.89 10.50
N ASP C 202 -48.36 25.88 9.86
CA ASP C 202 -49.65 26.36 10.32
C ASP C 202 -50.70 25.31 10.07
N GLU C 203 -50.62 24.65 8.93
CA GLU C 203 -51.62 23.62 8.61
C GLU C 203 -51.49 22.46 9.60
N ALA C 204 -50.26 22.07 9.92
CA ALA C 204 -49.99 20.96 10.86
C ALA C 204 -50.50 21.29 12.27
N ILE C 205 -50.26 22.51 12.75
CA ILE C 205 -50.66 22.89 14.14
C ILE C 205 -52.17 22.79 14.34
N ALA C 206 -52.96 23.12 13.32
CA ALA C 206 -54.44 23.06 13.40
C ALA C 206 -54.94 21.64 13.62
N GLU C 207 -54.24 20.63 13.11
CA GLU C 207 -54.66 19.21 13.22
C GLU C 207 -53.93 18.49 14.36
N LEU C 208 -53.23 19.20 15.24
CA LEU C 208 -52.50 18.52 16.34
C LEU C 208 -53.46 17.81 17.31
N ASP C 209 -54.71 18.28 17.42
CA ASP C 209 -55.67 17.70 18.38
C ASP C 209 -55.99 16.23 18.05
N THR C 210 -55.88 15.85 16.79
CA THR C 210 -56.25 14.48 16.37
C THR C 210 -55.07 13.51 16.46
N LEU C 211 -53.90 14.00 16.84
CA LEU C 211 -52.68 13.15 16.83
C LEU C 211 -52.55 12.25 18.05
N SER C 212 -52.10 11.02 17.82
CA SER C 212 -51.79 10.03 18.88
C SER C 212 -50.40 10.36 19.46
N GLU C 213 -50.07 9.82 20.63
CA GLU C 213 -48.76 10.15 21.23
C GLU C 213 -47.59 9.73 20.34
N GLU C 214 -47.74 8.69 19.52
CA GLU C 214 -46.57 8.30 18.69
C GLU C 214 -46.37 9.37 17.62
N SER C 215 -47.38 9.62 16.81
CA SER C 215 -47.27 10.65 15.74
C SER C 215 -47.12 12.05 16.31
N TYR C 216 -47.68 12.34 17.48
CA TYR C 216 -47.49 13.71 18.00
C TYR C 216 -45.99 13.95 18.19
N LYS C 217 -45.24 13.02 18.76
CA LYS C 217 -43.78 13.25 18.93
C LYS C 217 -43.12 13.33 17.55
N ASP C 218 -43.52 12.46 16.63
CA ASP C 218 -42.89 12.43 15.29
C ASP C 218 -43.17 13.74 14.56
N SER C 219 -44.42 14.19 14.56
CA SER C 219 -44.84 15.42 13.84
C SER C 219 -44.23 16.66 14.47
N THR C 220 -44.21 16.71 15.80
CA THR C 220 -43.67 17.88 16.54
C THR C 220 -42.18 18.04 16.29
N LEU C 221 -41.46 16.93 16.16
CA LEU C 221 -40.00 17.03 15.96
C LEU C 221 -39.72 17.81 14.68
N ILE C 222 -40.44 17.51 13.60
CA ILE C 222 -40.25 18.18 12.29
C ILE C 222 -40.78 19.61 12.33
N MET C 223 -41.95 19.80 12.91
CA MET C 223 -42.55 21.14 13.03
C MET C 223 -41.59 22.09 13.75
N GLN C 224 -40.83 21.57 14.67
CA GLN C 224 -39.85 22.38 15.36
C GLN C 224 -38.68 22.73 14.45
N LEU C 225 -38.30 21.83 13.56
CA LEU C 225 -37.24 22.10 12.60
C LEU C 225 -37.66 23.17 11.63
N LEU C 226 -38.90 23.15 11.20
CA LEU C 226 -39.45 24.21 10.39
C LEU C 226 -39.39 25.56 11.09
N ARG C 227 -39.66 25.53 12.37
CA ARG C 227 -39.70 26.71 13.18
C ARG C 227 -38.29 27.19 13.44
N ASP C 228 -37.38 26.25 13.53
CA ASP C 228 -35.97 26.54 13.71
C ASP C 228 -35.41 27.23 12.50
N ASN C 229 -35.82 26.81 11.32
CA ASN C 229 -35.38 27.44 10.09
C ASN C 229 -35.96 28.83 9.95
N LEU C 230 -37.25 28.97 10.23
CA LEU C 230 -37.95 30.26 10.14
C LEU C 230 -37.32 31.27 11.09
N THR C 231 -36.93 30.83 12.29
CA THR C 231 -36.28 31.77 13.23
C THR C 231 -34.96 32.25 12.61
N LEU C 232 -34.21 31.33 12.01
CA LEU C 232 -32.91 31.68 11.39
C LEU C 232 -33.13 32.68 10.25
N TRP C 233 -34.13 32.43 9.42
CA TRP C 233 -34.45 33.27 8.24
C TRP C 233 -35.04 34.64 8.58
N THR C 234 -35.87 34.72 9.61
CA THR C 234 -36.53 35.99 10.02
C THR C 234 -35.70 36.67 11.10
N SER C 235 -34.56 36.08 11.45
CA SER C 235 -33.67 36.65 12.49
C SER C 235 -33.40 38.12 12.17
N MET D 6 3.62 14.05 -6.09
CA MET D 6 3.19 15.07 -5.10
C MET D 6 4.36 15.33 -4.16
N ASP D 7 4.63 16.61 -3.83
CA ASP D 7 5.73 17.00 -2.92
C ASP D 7 5.41 16.65 -1.46
N LYS D 8 6.45 16.39 -0.65
CA LYS D 8 6.32 16.00 0.78
C LYS D 8 5.64 17.10 1.58
N ASN D 9 6.00 18.36 1.33
CA ASN D 9 5.32 19.49 2.01
C ASN D 9 3.84 19.48 1.63
N GLU D 10 3.57 19.25 0.33
CA GLU D 10 2.20 19.20 -0.23
C GLU D 10 1.42 18.04 0.41
N LEU D 11 2.06 16.89 0.56
CA LEU D 11 1.45 15.67 1.18
C LEU D 11 1.09 15.97 2.63
N VAL D 12 1.97 16.70 3.33
CA VAL D 12 1.72 17.05 4.76
C VAL D 12 0.53 17.97 4.83
N GLN D 13 0.55 19.09 4.10
CA GLN D 13 -0.58 20.05 4.15
C GLN D 13 -1.86 19.42 3.60
N LYS D 14 -1.77 18.50 2.64
CA LYS D 14 -2.99 17.80 2.18
C LYS D 14 -3.53 16.97 3.36
N ALA D 15 -2.66 16.32 4.11
CA ALA D 15 -3.09 15.49 5.26
C ALA D 15 -3.78 16.38 6.29
N LYS D 16 -3.23 17.58 6.54
CA LYS D 16 -3.88 18.50 7.49
C LYS D 16 -5.26 18.91 6.97
N LEU D 17 -5.37 19.13 5.65
CA LEU D 17 -6.67 19.49 5.06
C LEU D 17 -7.62 18.31 5.24
N ALA D 18 -7.13 17.10 4.98
CA ALA D 18 -7.94 15.87 5.11
C ALA D 18 -8.37 15.68 6.56
N GLU D 19 -7.52 16.05 7.51
CA GLU D 19 -7.90 15.89 8.93
C GLU D 19 -9.09 16.79 9.22
N GLN D 20 -9.04 18.03 8.74
CA GLN D 20 -10.10 19.04 8.98
C GLN D 20 -11.41 18.57 8.36
N ALA D 21 -11.34 17.93 7.20
CA ALA D 21 -12.50 17.39 6.46
C ALA D 21 -12.93 16.02 7.02
N GLU D 22 -12.21 15.48 8.01
CA GLU D 22 -12.53 14.17 8.64
C GLU D 22 -12.46 13.05 7.62
N ARG D 23 -11.50 13.12 6.70
CA ARG D 23 -11.23 12.07 5.71
C ARG D 23 -9.93 11.44 6.20
N TYR D 24 -10.02 10.48 7.11
CA TYR D 24 -8.85 9.90 7.72
C TYR D 24 -8.18 8.86 6.86
N ASP D 25 -8.96 8.24 5.98
CA ASP D 25 -8.36 7.27 5.05
C ASP D 25 -7.37 8.03 4.18
N ASP D 26 -7.78 9.19 3.69
CA ASP D 26 -6.87 10.04 2.87
C ASP D 26 -5.70 10.52 3.73
N MET D 27 -5.97 10.93 4.96
CA MET D 27 -4.92 11.46 5.86
C MET D 27 -3.89 10.37 6.14
N ALA D 28 -4.35 9.14 6.37
CA ALA D 28 -3.43 8.02 6.63
C ALA D 28 -2.58 7.72 5.39
N ALA D 29 -3.20 7.71 4.22
CA ALA D 29 -2.47 7.41 2.97
C ALA D 29 -1.41 8.48 2.73
N CYS D 30 -1.76 9.74 2.97
CA CYS D 30 -0.82 10.85 2.78
C CYS D 30 0.39 10.65 3.70
N MET D 31 0.12 10.39 4.98
CA MET D 31 1.21 10.20 5.98
C MET D 31 2.04 8.96 5.66
N LYS D 32 1.42 7.92 5.12
CA LYS D 32 2.14 6.69 4.72
C LYS D 32 3.11 7.04 3.60
N SER D 33 2.70 7.90 2.67
CA SER D 33 3.57 8.31 1.54
C SER D 33 4.81 9.01 2.11
N VAL D 34 4.59 9.96 3.01
CA VAL D 34 5.69 10.72 3.65
C VAL D 34 6.67 9.75 4.31
N THR D 35 6.18 8.77 5.04
CA THR D 35 7.01 7.74 5.72
C THR D 35 7.76 6.87 4.70
N GLU D 36 7.07 6.48 3.62
CA GLU D 36 7.63 5.60 2.56
C GLU D 36 8.72 6.32 1.75
N GLN D 37 8.70 7.66 1.73
CA GLN D 37 9.69 8.51 1.00
C GLN D 37 11.07 8.48 1.66
N GLY D 38 11.20 7.96 2.88
CA GLY D 38 12.46 7.83 3.62
C GLY D 38 12.70 9.02 4.50
N ALA D 39 11.72 9.93 4.53
CA ALA D 39 11.81 11.16 5.33
C ALA D 39 11.89 10.79 6.81
N GLU D 40 12.79 11.44 7.56
CA GLU D 40 12.77 11.21 9.02
C GLU D 40 11.63 12.12 9.46
N LEU D 41 10.58 11.56 10.06
CA LEU D 41 9.38 12.35 10.41
C LEU D 41 9.71 13.41 11.47
N SER D 42 9.10 14.58 11.33
CA SER D 42 9.26 15.65 12.34
C SER D 42 8.21 15.46 13.44
N ASN D 43 8.25 16.25 14.50
CA ASN D 43 7.24 16.04 15.57
C ASN D 43 5.83 16.28 15.02
N GLU D 44 5.67 17.32 14.23
CA GLU D 44 4.33 17.64 13.67
C GLU D 44 3.86 16.47 12.80
N GLU D 45 4.74 15.92 11.98
CA GLU D 45 4.38 14.84 11.02
C GLU D 45 4.09 13.53 11.75
N ARG D 46 4.86 13.29 12.81
CA ARG D 46 4.71 12.09 13.66
C ARG D 46 3.31 12.10 14.26
N ASN D 47 2.86 13.24 14.76
CA ASN D 47 1.52 13.32 15.39
C ASN D 47 0.45 13.12 14.32
N LEU D 48 0.66 13.67 13.13
CA LEU D 48 -0.34 13.51 12.05
C LEU D 48 -0.49 12.02 11.73
N LEU D 49 0.62 11.29 11.65
CA LEU D 49 0.54 9.84 11.36
C LEU D 49 -0.17 9.11 12.49
N SER D 50 0.13 9.46 13.73
CA SER D 50 -0.48 8.79 14.90
C SER D 50 -1.99 9.01 14.94
N VAL D 51 -2.43 10.25 14.75
CA VAL D 51 -3.87 10.61 14.77
C VAL D 51 -4.58 9.95 13.59
N ALA D 52 -3.98 9.99 12.41
CA ALA D 52 -4.65 9.43 11.22
C ALA D 52 -4.89 7.93 11.34
N TYR D 53 -3.88 7.19 11.80
CA TYR D 53 -4.04 5.72 11.88
C TYR D 53 -4.94 5.35 13.06
N LYS D 54 -4.93 6.15 14.12
CA LYS D 54 -5.76 5.90 15.27
C LYS D 54 -7.22 5.99 14.89
N ASN D 55 -7.55 7.01 14.11
CA ASN D 55 -8.89 7.19 13.61
C ASN D 55 -9.32 6.09 12.66
N VAL D 56 -8.42 5.67 11.80
CA VAL D 56 -8.67 4.59 10.82
C VAL D 56 -8.92 3.26 11.54
N VAL D 57 -8.02 2.85 12.46
CA VAL D 57 -8.14 1.60 13.22
C VAL D 57 -9.27 1.68 14.25
N GLY D 58 -9.47 2.88 14.77
CA GLY D 58 -10.45 3.17 15.78
C GLY D 58 -11.84 2.93 15.29
N ALA D 59 -12.10 3.28 14.05
CA ALA D 59 -13.38 2.98 13.47
C ALA D 59 -13.65 1.50 13.57
N ARG D 60 -12.67 0.68 13.18
CA ARG D 60 -12.83 -0.79 13.17
C ARG D 60 -12.95 -1.37 14.58
N ARG D 61 -12.15 -0.91 15.53
CA ARG D 61 -12.24 -1.43 16.92
C ARG D 61 -13.63 -1.11 17.49
N SER D 62 -14.11 0.09 17.23
CA SER D 62 -15.45 0.50 17.69
C SER D 62 -16.50 -0.39 17.03
N SER D 63 -16.37 -0.63 15.73
CA SER D 63 -17.35 -1.47 14.99
C SER D 63 -17.30 -2.89 15.54
N TRP D 64 -16.10 -3.37 15.81
CA TRP D 64 -15.89 -4.75 16.32
C TRP D 64 -16.56 -4.92 17.68
N ARG D 65 -16.48 -3.92 18.55
CA ARG D 65 -17.10 -4.01 19.90
C ARG D 65 -18.62 -4.11 19.79
N VAL D 66 -19.20 -3.38 18.84
CA VAL D 66 -20.64 -3.34 18.70
C VAL D 66 -21.14 -4.69 18.27
N VAL D 67 -20.58 -5.18 17.18
CA VAL D 67 -20.95 -6.47 16.65
C VAL D 67 -20.74 -7.59 17.65
N SER D 68 -19.61 -7.61 18.35
CA SER D 68 -19.37 -8.64 19.36
C SER D 68 -20.39 -8.62 20.46
N SER D 69 -20.97 -7.47 20.73
CA SER D 69 -21.96 -7.34 21.77
C SER D 69 -23.27 -7.95 21.34
N ILE D 70 -23.59 -7.74 20.08
CA ILE D 70 -24.84 -8.28 19.47
C ILE D 70 -24.73 -9.80 19.44
N GLU D 71 -23.58 -10.30 18.99
CA GLU D 71 -23.31 -11.76 18.85
C GLU D 71 -23.43 -12.41 20.23
N GLN D 72 -22.88 -11.79 21.27
CA GLN D 72 -22.99 -12.35 22.63
C GLN D 72 -24.43 -12.25 23.13
N LYS D 73 -25.08 -11.12 22.90
CA LYS D 73 -26.45 -10.82 23.40
C LYS D 73 -27.55 -11.70 22.79
N THR D 74 -27.36 -12.11 21.55
CA THR D 74 -28.39 -12.85 20.88
C THR D 74 -28.95 -13.96 21.70
N GLU D 75 -30.14 -13.70 22.20
CA GLU D 75 -30.94 -14.67 22.91
C GLU D 75 -32.14 -14.82 21.98
N GLY D 76 -31.86 -14.97 20.68
CA GLY D 76 -32.89 -15.05 19.67
C GLY D 76 -32.80 -16.14 18.64
N ALA D 77 -31.85 -16.06 17.70
CA ALA D 77 -31.85 -17.09 16.64
C ALA D 77 -30.42 -17.34 16.17
N GLU D 78 -30.14 -18.58 15.78
CA GLU D 78 -28.80 -18.97 15.28
C GLU D 78 -28.50 -18.19 14.00
N LYS D 79 -29.48 -18.01 13.12
CA LYS D 79 -29.25 -17.32 11.83
C LYS D 79 -28.60 -15.95 12.05
N LYS D 80 -29.10 -15.16 13.01
CA LYS D 80 -28.51 -13.83 13.28
C LYS D 80 -27.10 -13.99 13.85
N GLN D 81 -26.92 -14.93 14.77
CA GLN D 81 -25.62 -15.14 15.46
C GLN D 81 -24.56 -15.50 14.42
N GLN D 82 -24.89 -16.33 13.44
CA GLN D 82 -23.88 -16.72 12.42
C GLN D 82 -23.60 -15.51 11.52
N MET D 83 -24.60 -14.64 11.37
CA MET D 83 -24.42 -13.41 10.57
C MET D 83 -23.49 -12.41 11.27
N ALA D 84 -23.71 -12.23 12.58
CA ALA D 84 -22.90 -11.32 13.41
C ALA D 84 -21.47 -11.84 13.44
N ARG D 85 -21.33 -13.15 13.57
CA ARG D 85 -20.02 -13.82 13.60
C ARG D 85 -19.32 -13.57 12.27
N GLU D 86 -20.03 -13.67 11.16
CA GLU D 86 -19.38 -13.48 9.83
C GLU D 86 -18.97 -12.02 9.65
N TYR D 87 -19.79 -11.09 10.11
CA TYR D 87 -19.51 -9.67 10.01
C TYR D 87 -18.33 -9.29 10.88
N ARG D 88 -18.33 -9.76 12.11
CA ARG D 88 -17.22 -9.50 13.00
C ARG D 88 -15.90 -9.91 12.35
N GLU D 89 -15.94 -10.99 11.58
CA GLU D 89 -14.75 -11.53 10.97
C GLU D 89 -14.28 -10.72 9.77
N LYS D 90 -15.20 -10.02 9.14
CA LYS D 90 -14.87 -9.15 8.05
C LYS D 90 -14.26 -7.87 8.58
N ILE D 91 -14.74 -7.45 9.74
CA ILE D 91 -14.18 -6.31 10.43
C ILE D 91 -12.78 -6.67 10.92
N GLU D 92 -12.65 -7.83 11.57
CA GLU D 92 -11.32 -8.30 12.07
C GLU D 92 -10.31 -8.28 10.92
N THR D 93 -10.76 -8.62 9.72
CA THR D 93 -9.90 -8.64 8.53
C THR D 93 -9.39 -7.24 8.19
N GLU D 94 -10.27 -6.24 8.20
CA GLU D 94 -9.86 -4.85 7.88
C GLU D 94 -8.89 -4.35 8.94
N LEU D 95 -9.17 -4.66 10.20
CA LEU D 95 -8.34 -4.21 11.34
C LEU D 95 -6.93 -4.79 11.24
N ARG D 96 -6.82 -6.09 10.92
CA ARG D 96 -5.51 -6.74 10.80
C ARG D 96 -4.70 -6.05 9.70
N ASP D 97 -5.32 -5.79 8.55
CA ASP D 97 -4.59 -5.11 7.46
C ASP D 97 -4.06 -3.76 7.96
N ILE D 98 -4.90 -2.96 8.59
CA ILE D 98 -4.46 -1.61 9.06
C ILE D 98 -3.32 -1.76 10.06
N CYS D 99 -3.44 -2.69 11.00
CA CYS D 99 -2.37 -2.84 12.01
C CYS D 99 -1.07 -3.26 11.32
N ASN D 100 -1.15 -4.19 10.37
CA ASN D 100 0.05 -4.67 9.65
C ASN D 100 0.66 -3.50 8.90
N ASP D 101 -0.17 -2.67 8.28
CA ASP D 101 0.40 -1.55 7.50
C ASP D 101 1.21 -0.66 8.42
N VAL D 102 0.68 -0.34 9.60
CA VAL D 102 1.39 0.57 10.55
C VAL D 102 2.65 -0.11 11.06
N LEU D 103 2.54 -1.40 11.42
CA LEU D 103 3.70 -2.14 11.97
C LEU D 103 4.81 -2.22 10.93
N SER D 104 4.47 -2.41 9.66
CA SER D 104 5.49 -2.46 8.60
C SER D 104 6.20 -1.11 8.52
N LEU D 105 5.47 -0.01 8.60
CA LEU D 105 6.08 1.33 8.51
C LEU D 105 7.05 1.50 9.67
N LEU D 106 6.66 1.06 10.86
CA LEU D 106 7.52 1.16 12.05
C LEU D 106 8.77 0.29 11.89
N GLU D 107 8.59 -0.96 11.48
CA GLU D 107 9.74 -1.88 11.32
C GLU D 107 10.58 -1.49 10.11
N LYS D 108 9.96 -1.27 8.96
CA LYS D 108 10.70 -0.86 7.75
C LYS D 108 11.26 0.56 7.82
N PHE D 109 10.54 1.55 8.33
CA PHE D 109 11.06 2.93 8.20
C PHE D 109 11.28 3.70 9.50
N LEU D 110 10.24 3.84 10.32
CA LEU D 110 10.34 4.73 11.51
C LEU D 110 11.30 4.27 12.60
N ILE D 111 11.24 3.01 13.04
CA ILE D 111 12.11 2.59 14.18
C ILE D 111 13.60 2.58 13.80
N PRO D 112 14.02 2.05 12.64
CA PRO D 112 15.42 2.02 12.28
C PRO D 112 16.06 3.41 12.09
N ASN D 113 15.32 4.34 11.49
CA ASN D 113 15.85 5.69 11.18
C ASN D 113 15.59 6.67 12.32
N ALA D 114 15.10 6.18 13.46
CA ALA D 114 14.85 7.07 14.61
C ALA D 114 16.13 7.14 15.43
N SER D 115 16.77 8.31 15.46
CA SER D 115 18.02 8.52 16.22
C SER D 115 17.73 9.02 17.64
N GLN D 116 16.71 9.85 17.80
CA GLN D 116 16.40 10.46 19.12
C GLN D 116 15.59 9.50 19.99
N ALA D 117 15.87 9.54 21.29
CA ALA D 117 15.20 8.70 22.30
C ALA D 117 13.69 8.93 22.35
N GLU D 118 13.26 10.17 22.24
CA GLU D 118 11.86 10.50 22.18
C GLU D 118 11.15 9.74 21.07
N SER D 119 11.72 9.82 19.87
CA SER D 119 11.19 9.10 18.68
C SER D 119 11.18 7.60 18.94
N LYS D 120 12.23 7.06 19.55
CA LYS D 120 12.30 5.60 19.79
C LYS D 120 11.13 5.20 20.70
N VAL D 121 10.90 5.95 21.77
CA VAL D 121 9.79 5.63 22.71
C VAL D 121 8.45 5.77 22.00
N PHE D 122 8.29 6.82 21.22
CA PHE D 122 7.00 7.07 20.54
C PHE D 122 6.68 5.94 19.56
N TYR D 123 7.66 5.56 18.72
CA TYR D 123 7.47 4.47 17.73
C TYR D 123 7.31 3.10 18.39
N LEU D 124 8.03 2.83 19.48
CA LEU D 124 7.94 1.52 20.17
C LEU D 124 6.57 1.43 20.85
N LYS D 125 6.11 2.53 21.41
CA LYS D 125 4.80 2.61 22.01
C LYS D 125 3.73 2.30 20.97
N MET D 126 3.83 2.95 19.85
CA MET D 126 2.95 2.68 18.74
C MET D 126 3.00 1.21 18.34
N LYS D 127 4.17 0.61 18.35
CA LYS D 127 4.33 -0.80 18.02
C LYS D 127 3.59 -1.64 19.01
N GLY D 128 3.74 -1.31 20.27
CA GLY D 128 3.02 -1.98 21.33
C GLY D 128 1.52 -1.86 21.16
N ASP D 129 1.04 -0.66 20.87
CA ASP D 129 -0.36 -0.42 20.66
C ASP D 129 -0.96 -1.28 19.55
N TYR D 130 -0.39 -1.25 18.36
CA TYR D 130 -0.94 -1.96 17.21
C TYR D 130 -0.81 -3.48 17.31
N TYR D 131 0.12 -3.95 18.13
CA TYR D 131 0.19 -5.40 18.42
C TYR D 131 -0.89 -5.69 19.46
N ARG D 132 -1.16 -4.72 20.33
CA ARG D 132 -2.22 -4.87 21.33
C ARG D 132 -3.55 -4.98 20.58
N TYR D 133 -3.76 -4.16 19.55
CA TYR D 133 -5.03 -4.20 18.77
C TYR D 133 -5.14 -5.54 18.06
N LEU D 134 -4.05 -6.04 17.50
CA LEU D 134 -4.05 -7.36 16.80
C LEU D 134 -4.38 -8.46 17.80
N ALA D 135 -3.87 -8.37 19.02
CA ALA D 135 -4.08 -9.38 20.06
C ALA D 135 -5.57 -9.53 20.38
N GLU D 136 -6.30 -8.42 20.41
CA GLU D 136 -7.75 -8.39 20.74
C GLU D 136 -8.55 -9.29 19.78
N VAL D 137 -8.10 -9.39 18.54
CA VAL D 137 -8.84 -10.18 17.52
C VAL D 137 -7.99 -11.36 17.03
N ALA D 138 -6.94 -11.71 17.78
CA ALA D 138 -6.04 -12.81 17.35
C ALA D 138 -6.71 -14.17 17.46
N ALA D 139 -6.27 -15.09 16.59
CA ALA D 139 -6.74 -16.49 16.62
C ALA D 139 -6.06 -17.15 17.82
N GLY D 140 -6.65 -18.22 18.35
CA GLY D 140 -6.08 -18.83 19.57
C GLY D 140 -4.64 -19.29 19.38
N ASP D 141 -4.31 -19.84 18.22
CA ASP D 141 -2.91 -20.31 18.01
C ASP D 141 -1.91 -19.15 18.02
N ASP D 142 -2.24 -18.01 17.43
CA ASP D 142 -1.26 -16.89 17.38
C ASP D 142 -1.41 -15.89 18.53
N LYS D 143 -2.40 -16.04 19.39
CA LYS D 143 -2.63 -15.02 20.44
C LYS D 143 -1.39 -14.77 21.32
N LYS D 144 -0.93 -15.79 22.04
CA LYS D 144 0.22 -15.58 22.96
C LYS D 144 1.41 -14.99 22.23
N GLY D 145 1.67 -15.40 21.00
CA GLY D 145 2.84 -14.84 20.31
C GLY D 145 2.70 -13.34 20.09
N ILE D 146 1.53 -12.90 19.65
CA ILE D 146 1.24 -11.46 19.38
C ILE D 146 1.34 -10.66 20.68
N VAL D 147 0.86 -11.24 21.77
CA VAL D 147 0.86 -10.57 23.10
C VAL D 147 2.28 -10.28 23.54
N ASP D 148 3.20 -11.22 23.34
CA ASP D 148 4.61 -11.04 23.77
C ASP D 148 5.27 -9.99 22.88
N GLN D 149 4.80 -9.88 21.65
CA GLN D 149 5.38 -8.88 20.79
C GLN D 149 4.99 -7.48 21.22
N SER D 150 3.77 -7.34 21.75
CA SER D 150 3.30 -6.08 22.27
C SER D 150 4.03 -5.72 23.54
N GLN D 151 4.16 -6.69 24.43
CA GLN D 151 4.87 -6.50 25.68
C GLN D 151 6.32 -6.09 25.49
N GLN D 152 6.98 -6.71 24.55
CA GLN D 152 8.36 -6.40 24.30
C GLN D 152 8.49 -4.96 23.89
N ALA D 153 7.75 -4.55 22.88
CA ALA D 153 7.80 -3.20 22.33
C ALA D 153 7.54 -2.15 23.41
N TYR D 154 6.60 -2.42 24.30
CA TYR D 154 6.27 -1.53 25.40
C TYR D 154 7.41 -1.48 26.39
N GLN D 155 7.86 -2.66 26.79
CA GLN D 155 8.94 -2.80 27.75
C GLN D 155 10.19 -2.06 27.30
N GLU D 156 10.58 -2.20 26.05
CA GLU D 156 11.72 -1.44 25.60
C GLU D 156 11.50 0.05 25.59
N ALA D 157 10.35 0.49 25.12
CA ALA D 157 10.01 1.92 25.14
C ALA D 157 10.03 2.44 26.57
N PHE D 158 9.54 1.63 27.48
CA PHE D 158 9.51 1.97 28.87
C PHE D 158 10.89 2.14 29.49
N GLU D 159 11.81 1.25 29.19
CA GLU D 159 13.13 1.34 29.75
C GLU D 159 13.79 2.59 29.22
N ILE D 160 13.68 2.84 27.93
CA ILE D 160 14.27 4.03 27.33
C ILE D 160 13.72 5.32 27.90
N SER D 161 12.41 5.37 28.11
CA SER D 161 11.75 6.55 28.61
C SER D 161 12.12 6.87 30.05
N LYS D 162 12.39 5.86 30.85
CA LYS D 162 12.79 6.10 32.25
C LYS D 162 14.24 6.57 32.27
N LYS D 163 15.09 5.93 31.48
CA LYS D 163 16.53 6.29 31.42
C LYS D 163 16.72 7.69 30.81
N GLU D 164 15.98 8.04 29.77
CA GLU D 164 16.24 9.33 29.06
C GLU D 164 15.09 10.34 29.09
N MET D 165 13.94 10.04 29.68
CA MET D 165 12.86 11.05 29.62
C MET D 165 12.38 11.45 31.02
N GLN D 166 11.95 12.69 31.15
CA GLN D 166 11.43 13.22 32.44
C GLN D 166 10.09 12.56 32.72
N PRO D 167 9.72 12.31 34.00
CA PRO D 167 8.45 11.67 34.35
C PRO D 167 7.20 12.44 33.90
N THR D 168 7.31 13.75 33.77
CA THR D 168 6.23 14.65 33.31
C THR D 168 6.13 14.65 31.78
N HIS D 169 7.07 14.04 31.08
CA HIS D 169 6.99 14.09 29.60
C HIS D 169 5.71 13.41 29.11
N PRO D 170 4.93 14.03 28.20
CA PRO D 170 3.68 13.45 27.71
C PRO D 170 3.86 12.11 27.00
N ILE D 171 4.92 11.97 26.22
CA ILE D 171 5.12 10.67 25.51
C ILE D 171 5.37 9.58 26.56
N ARG D 172 6.16 9.87 27.58
CA ARG D 172 6.41 8.88 28.67
C ARG D 172 5.13 8.62 29.46
N LEU D 173 4.36 9.67 29.73
CA LEU D 173 3.09 9.55 30.47
C LEU D 173 2.09 8.72 29.67
N GLY D 174 2.02 8.99 28.37
CA GLY D 174 1.12 8.28 27.43
C GLY D 174 1.46 6.82 27.34
N LEU D 175 2.76 6.51 27.36
CA LEU D 175 3.25 5.12 27.31
C LEU D 175 2.82 4.38 28.58
N ALA D 176 2.90 5.01 29.76
CA ALA D 176 2.55 4.31 30.97
C ALA D 176 1.08 4.01 31.02
N LEU D 177 0.29 4.96 30.55
CA LEU D 177 -1.15 4.79 30.50
C LEU D 177 -1.52 3.57 29.69
N ASN D 178 -0.96 3.46 28.50
CA ASN D 178 -1.28 2.39 27.57
C ASN D 178 -0.72 1.05 28.02
N PHE D 179 0.50 1.06 28.55
CA PHE D 179 1.12 -0.15 29.03
C PHE D 179 0.29 -0.68 30.17
N SER D 180 -0.23 0.23 30.97
CA SER D 180 -1.03 -0.11 32.11
C SER D 180 -2.27 -0.82 31.68
N VAL D 181 -2.88 -0.33 30.62
CA VAL D 181 -4.09 -0.90 30.09
C VAL D 181 -3.80 -2.26 29.46
N PHE D 182 -2.66 -2.39 28.84
CA PHE D 182 -2.23 -3.65 28.31
C PHE D 182 -2.28 -4.72 29.37
N TYR D 183 -1.68 -4.44 30.51
CA TYR D 183 -1.68 -5.38 31.60
C TYR D 183 -3.05 -5.77 32.06
N TYR D 184 -3.94 -4.80 32.18
CA TYR D 184 -5.27 -5.06 32.68
C TYR D 184 -6.17 -5.78 31.71
N GLU D 185 -6.29 -5.23 30.52
CA GLU D 185 -7.06 -5.79 29.44
C GLU D 185 -6.55 -7.03 28.73
N ILE D 186 -5.27 -7.04 28.40
CA ILE D 186 -4.70 -8.16 27.60
C ILE D 186 -4.16 -9.27 28.50
N LEU D 187 -3.29 -8.94 29.45
CA LEU D 187 -2.65 -9.97 30.31
C LEU D 187 -3.51 -10.29 31.52
N ASN D 188 -4.63 -9.59 31.70
CA ASN D 188 -5.52 -9.84 32.86
C ASN D 188 -4.71 -9.74 34.16
N SER D 189 -3.91 -8.69 34.31
CA SER D 189 -3.05 -8.50 35.49
C SER D 189 -3.36 -7.13 36.10
N PRO D 190 -4.44 -7.02 36.88
CA PRO D 190 -4.89 -5.76 37.47
C PRO D 190 -3.91 -5.12 38.46
N GLU D 191 -3.22 -5.94 39.25
CA GLU D 191 -2.26 -5.44 40.28
C GLU D 191 -1.12 -4.70 39.59
N LYS D 192 -0.52 -5.30 38.58
CA LYS D 192 0.51 -4.65 37.82
C LYS D 192 -0.05 -3.42 37.10
N ALA D 193 -1.28 -3.51 36.64
CA ALA D 193 -1.90 -2.43 35.93
C ALA D 193 -1.86 -1.21 36.81
N CYS D 194 -2.42 -1.35 37.99
CA CYS D 194 -2.52 -0.26 38.90
C CYS D 194 -1.18 0.25 39.33
N SER D 195 -0.27 -0.66 39.60
CA SER D 195 1.04 -0.26 40.09
C SER D 195 1.72 0.59 39.05
N LEU D 196 1.65 0.16 37.81
CA LEU D 196 2.35 0.84 36.76
C LEU D 196 1.84 2.26 36.62
N ALA D 197 0.54 2.44 36.73
CA ALA D 197 -0.04 3.74 36.56
C ALA D 197 0.12 4.64 37.75
N LYS D 198 0.05 4.06 38.94
CA LYS D 198 0.20 4.81 40.20
C LYS D 198 1.64 5.30 40.28
N THR D 199 2.59 4.41 40.03
CA THR D 199 4.02 4.77 40.08
C THR D 199 4.32 5.84 39.04
N ALA D 200 3.74 5.73 37.85
CA ALA D 200 3.97 6.76 36.81
C ALA D 200 3.42 8.10 37.28
N PHE D 201 2.25 8.11 37.92
CA PHE D 201 1.62 9.35 38.44
C PHE D 201 2.46 9.95 39.57
N ASP D 202 2.93 9.11 40.48
CA ASP D 202 3.77 9.56 41.63
C ASP D 202 5.03 10.27 41.13
N GLU D 203 5.79 9.65 40.24
CA GLU D 203 7.06 10.26 39.76
C GLU D 203 6.80 11.60 39.09
N ALA D 204 5.74 11.72 38.31
CA ALA D 204 5.39 12.96 37.60
C ALA D 204 5.02 14.09 38.56
N ILE D 205 4.33 13.75 39.64
CA ILE D 205 3.83 14.75 40.64
C ILE D 205 4.98 15.48 41.35
N ALA D 206 6.08 14.80 41.62
CA ALA D 206 7.21 15.43 42.33
C ALA D 206 7.79 16.60 41.54
N GLU D 207 7.85 16.49 40.21
CA GLU D 207 8.49 17.54 39.37
C GLU D 207 7.46 18.39 38.61
N LEU D 208 6.24 18.48 39.10
CA LEU D 208 5.22 19.36 38.47
C LEU D 208 5.64 20.84 38.56
N ASP D 209 6.31 21.23 39.64
CA ASP D 209 6.73 22.64 39.87
C ASP D 209 7.59 23.16 38.71
N THR D 210 8.46 22.33 38.14
CA THR D 210 9.37 22.78 37.05
C THR D 210 8.63 23.06 35.75
N LEU D 211 7.35 22.69 35.67
CA LEU D 211 6.65 22.81 34.37
C LEU D 211 6.53 24.23 33.85
N SER D 212 6.33 24.32 32.57
CA SER D 212 6.30 25.52 31.78
C SER D 212 4.92 26.08 31.54
N GLU D 213 3.98 25.75 32.42
CA GLU D 213 2.56 26.19 32.38
C GLU D 213 1.71 25.56 31.29
N GLU D 214 2.09 25.70 30.03
CA GLU D 214 1.38 25.03 28.95
C GLU D 214 1.56 23.52 29.13
N SER D 215 2.78 23.13 29.46
CA SER D 215 3.17 21.76 29.70
C SER D 215 2.40 21.19 30.89
N TYR D 216 2.19 22.01 31.92
CA TYR D 216 1.46 21.57 33.10
C TYR D 216 0.07 21.17 32.61
N LYS D 217 -0.45 21.90 31.64
CA LYS D 217 -1.77 21.55 31.08
C LYS D 217 -1.67 20.22 30.32
N ASP D 218 -0.59 20.00 29.56
CA ASP D 218 -0.44 18.77 28.82
C ASP D 218 -0.11 17.59 29.71
N SER D 219 0.74 17.80 30.70
CA SER D 219 1.11 16.72 31.58
C SER D 219 -0.02 16.30 32.49
N THR D 220 -0.71 17.26 33.10
CA THR D 220 -1.78 16.93 34.07
C THR D 220 -3.00 16.31 33.37
N LEU D 221 -3.17 16.60 32.09
CA LEU D 221 -4.27 16.04 31.35
C LEU D 221 -4.10 14.54 31.29
N ILE D 222 -2.87 14.08 31.13
CA ILE D 222 -2.61 12.67 30.98
C ILE D 222 -2.55 12.01 32.33
N MET D 223 -2.05 12.75 33.30
CA MET D 223 -2.05 12.26 34.66
C MET D 223 -3.45 12.04 35.17
N GLN D 224 -4.38 12.87 34.73
CA GLN D 224 -5.77 12.64 35.06
C GLN D 224 -6.29 11.36 34.46
N LEU D 225 -5.91 11.07 33.22
CA LEU D 225 -6.34 9.85 32.61
C LEU D 225 -5.86 8.67 33.44
N LEU D 226 -4.63 8.73 33.87
CA LEU D 226 -4.10 7.67 34.69
C LEU D 226 -4.93 7.47 35.94
N ARG D 227 -5.37 8.57 36.54
CA ARG D 227 -6.19 8.52 37.75
C ARG D 227 -7.56 7.99 37.41
N ASP D 228 -8.10 8.42 36.28
CA ASP D 228 -9.43 7.99 35.85
C ASP D 228 -9.47 6.47 35.72
N ASN D 229 -8.38 5.86 35.19
CA ASN D 229 -8.25 4.42 35.04
C ASN D 229 -8.07 3.74 36.40
N LEU D 230 -7.30 4.36 37.30
CA LEU D 230 -7.07 3.76 38.65
C LEU D 230 -8.39 3.69 39.39
N THR D 231 -9.16 4.78 39.37
CA THR D 231 -10.44 4.85 40.09
C THR D 231 -11.37 3.77 39.56
N LEU D 232 -11.43 3.61 38.25
CA LEU D 232 -12.33 2.60 37.64
C LEU D 232 -11.91 1.20 38.07
N TRP D 233 -10.61 0.92 38.08
CA TRP D 233 -10.08 -0.42 38.47
C TRP D 233 -10.23 -0.69 39.98
N THR D 234 -9.93 0.27 40.83
CA THR D 234 -9.98 0.03 42.30
C THR D 234 -11.40 -0.27 42.80
N SER D 235 -12.40 0.42 42.27
CA SER D 235 -13.80 0.22 42.74
C SER D 235 -14.57 -0.66 41.75
N THR E 2 6.62 -2.57 -29.67
CA THR E 2 6.93 -3.76 -30.47
C THR E 2 8.32 -4.30 -30.14
N ILE E 3 9.38 -3.51 -30.45
CA ILE E 3 10.80 -3.84 -30.21
C ILE E 3 11.61 -2.57 -29.95
N VAL E 4 12.52 -2.61 -28.92
CA VAL E 4 13.45 -1.54 -28.47
C VAL E 4 12.74 -0.13 -28.55
N PRO E 5 13.28 1.04 -28.98
CA PRO E 5 14.62 1.42 -29.47
C PRO E 5 15.59 1.76 -28.33
N ALA E 6 16.85 2.03 -28.66
CA ALA E 6 17.93 2.35 -27.71
C ALA E 6 17.84 3.74 -27.09
N TPO E 7 18.04 3.80 -25.76
CA TPO E 7 18.10 5.00 -24.93
CB TPO E 7 16.83 5.45 -24.22
CG2 TPO E 7 15.88 6.18 -25.17
OG1 TPO E 7 16.28 4.29 -23.58
P TPO E 7 15.25 4.48 -22.47
O1P TPO E 7 13.88 4.62 -23.12
O2P TPO E 7 15.31 3.14 -21.80
O3P TPO E 7 15.59 5.61 -21.55
C TPO E 7 19.21 4.80 -23.89
O TPO E 7 19.51 3.66 -23.52
N LEU E 8 19.81 5.91 -23.43
CA LEU E 8 20.89 5.88 -22.44
C LEU E 8 20.56 6.56 -21.09
N PRO E 9 21.05 6.02 -19.95
CA PRO E 9 21.83 4.78 -19.82
C PRO E 9 21.01 3.52 -20.17
N GLN E 10 21.71 2.44 -20.55
CA GLN E 10 21.09 1.15 -20.87
C GLN E 10 21.15 0.25 -19.65
N LEU E 11 20.07 -0.47 -19.36
CA LEU E 11 19.94 -1.40 -18.22
C LEU E 11 20.99 -2.50 -18.25
N THR E 12 21.46 -2.90 -17.04
CA THR E 12 22.39 -4.00 -16.87
C THR E 12 21.53 -5.28 -16.93
N PRO E 13 21.77 -6.19 -17.91
CA PRO E 13 20.95 -7.40 -17.99
C PRO E 13 21.34 -8.45 -16.92
N THR F 2 35.99 -24.20 -8.53
CA THR F 2 35.89 -22.76 -8.79
C THR F 2 34.57 -22.37 -9.47
N ILE F 3 34.00 -23.26 -10.32
CA ILE F 3 32.74 -23.02 -11.03
C ILE F 3 31.53 -23.57 -10.23
N VAL F 4 30.34 -23.06 -10.51
CA VAL F 4 29.08 -23.39 -9.85
C VAL F 4 28.52 -24.80 -10.25
N PRO F 5 28.47 -25.79 -9.31
CA PRO F 5 27.83 -27.08 -9.66
C PRO F 5 26.31 -26.92 -9.64
N ALA F 6 25.60 -27.71 -10.44
CA ALA F 6 24.15 -27.62 -10.59
C ALA F 6 23.36 -28.09 -9.36
N TPO F 7 22.34 -27.27 -8.98
CA TPO F 7 21.39 -27.52 -7.89
CB TPO F 7 21.70 -26.94 -6.50
CG2 TPO F 7 22.77 -27.74 -5.77
OG1 TPO F 7 21.97 -25.53 -6.65
P TPO F 7 21.77 -24.57 -5.48
O1P TPO F 7 20.65 -24.93 -4.57
O2P TPO F 7 21.59 -23.19 -6.09
O3P TPO F 7 23.14 -24.62 -4.73
C TPO F 7 19.98 -27.13 -8.37
O TPO F 7 19.84 -26.24 -9.20
N LEU F 8 18.93 -27.81 -7.83
CA LEU F 8 17.53 -27.56 -8.18
C LEU F 8 16.68 -27.10 -6.99
N PRO F 9 15.75 -26.12 -7.15
CA PRO F 9 15.43 -25.36 -8.37
C PRO F 9 16.58 -24.47 -8.86
N GLN F 10 16.65 -24.25 -10.18
CA GLN F 10 17.65 -23.40 -10.84
C GLN F 10 17.05 -22.02 -11.12
N LEU F 11 17.87 -20.97 -11.24
CA LEU F 11 17.35 -19.64 -11.54
C LEU F 11 17.09 -19.43 -13.02
N THR F 12 16.01 -18.65 -13.34
CA THR F 12 15.47 -18.34 -14.67
C THR F 12 16.57 -18.31 -15.82
N PRO F 13 17.61 -17.44 -15.85
CA PRO F 13 17.98 -16.35 -14.94
C PRO F 13 17.46 -14.96 -15.43
N ILE G 3 -24.62 29.48 9.29
CA ILE G 3 -25.38 28.32 9.78
C ILE G 3 -26.08 27.58 8.63
N VAL G 4 -26.06 26.23 8.69
CA VAL G 4 -26.70 25.32 7.72
C VAL G 4 -28.16 25.08 8.23
N PRO G 5 -29.22 25.27 7.38
CA PRO G 5 -30.59 25.03 7.88
C PRO G 5 -30.90 23.53 8.05
N ALA G 6 -31.96 23.23 8.80
CA ALA G 6 -32.34 21.83 9.04
C ALA G 6 -33.06 21.21 7.84
N TPO G 7 -32.68 19.98 7.53
CA TPO G 7 -33.22 19.13 6.47
CB TPO G 7 -32.46 19.14 5.12
CG2 TPO G 7 -32.82 20.40 4.33
OG1 TPO G 7 -31.05 18.95 5.36
P TPO G 7 -30.20 18.44 4.19
O1P TPO G 7 -30.92 17.43 3.33
O2P TPO G 7 -29.07 17.73 4.90
O3P TPO G 7 -29.66 19.66 3.45
C TPO G 7 -33.32 17.69 6.98
O TPO G 7 -32.57 17.28 7.86
N LEU G 8 -34.27 16.93 6.40
CA LEU G 8 -34.46 15.55 6.82
C LEU G 8 -34.26 14.53 5.71
N PRO G 9 -33.69 13.33 5.99
CA PRO G 9 -33.16 12.85 7.28
C PRO G 9 -31.91 13.61 7.74
N GLN G 10 -31.68 13.66 9.05
CA GLN G 10 -30.51 14.35 9.59
C GLN G 10 -29.48 13.37 10.13
N LEU G 11 -28.19 13.63 9.85
CA LEU G 11 -27.04 12.80 10.25
C LEU G 11 -27.10 12.41 11.71
N THR G 12 -27.02 11.09 11.94
CA THR G 12 -27.13 10.33 13.19
C THR G 12 -26.50 10.98 14.48
N PRO G 13 -25.27 11.59 14.53
CA PRO G 13 -24.81 12.16 15.81
C PRO G 13 -25.70 13.27 16.38
N ILE H 3 -16.47 2.21 31.26
CA ILE H 3 -16.43 0.87 30.66
C ILE H 3 -15.14 0.68 29.84
N VAL H 4 -14.88 1.55 28.83
CA VAL H 4 -13.66 1.50 28.02
C VAL H 4 -12.57 2.33 28.71
N PRO H 5 -11.41 1.73 29.10
CA PRO H 5 -10.38 2.52 29.79
C PRO H 5 -9.67 3.49 28.85
N ALA H 6 -9.14 4.59 29.41
CA ALA H 6 -8.45 5.64 28.64
C ALA H 6 -7.08 5.21 28.12
N TPO H 7 -6.83 5.48 26.85
CA TPO H 7 -5.58 5.23 26.12
CB TPO H 7 -5.45 3.88 25.39
CG2 TPO H 7 -5.26 2.69 26.39
OG1 TPO H 7 -6.58 3.82 24.51
P TPO H 7 -6.58 2.84 23.32
O1P TPO H 7 -7.73 3.34 22.48
O2P TPO H 7 -7.08 1.46 23.75
O3P TPO H 7 -5.26 2.76 22.63
C TPO H 7 -5.31 6.42 25.18
O TPO H 7 -6.24 7.07 24.71
N LEU H 8 -4.01 6.67 24.90
CA LEU H 8 -3.60 7.78 24.04
C LEU H 8 -2.80 7.34 22.79
N PRO H 9 -3.01 7.95 21.59
CA PRO H 9 -3.97 9.02 21.26
C PRO H 9 -5.43 8.63 21.46
N GLN H 10 -6.26 9.64 21.73
CA GLN H 10 -7.68 9.49 21.98
C GLN H 10 -8.48 10.08 20.84
N LEU H 11 -9.73 9.62 20.68
CA LEU H 11 -10.69 10.16 19.72
C LEU H 11 -11.72 10.96 20.56
N THR H 12 -11.89 12.30 20.37
CA THR H 12 -11.40 13.21 19.31
C THR H 12 -11.82 12.62 17.93
N PRO H 13 -13.12 12.23 17.73
CA PRO H 13 -13.51 11.66 16.42
C PRO H 13 -13.48 12.70 15.27
#